data_9B9H
#
_entry.id   9B9H
#
_cell.length_a   84.213
_cell.length_b   85.143
_cell.length_c   111.644
_cell.angle_alpha   90.000
_cell.angle_beta   90.000
_cell.angle_gamma   90.000
#
_symmetry.space_group_name_H-M   'P 21 21 21'
#
loop_
_entity.id
_entity.type
_entity.pdbx_description
1 polymer 'DDB1- and CUL4-associated factor 1'
2 polymer 'WD repeat-containing protein 5'
3 non-polymer "N-{(1P)-5'-({(17E)-18-[(3P)-4-{[(1S)-3-amino-1-(3-chloro-4-fluorophenyl)-3-oxopropyl]carbamoyl}-3-(4-chloro-2-fluorophenyl)-1H-pyrrol-2-yl]-16-oxo-3,6,9,12-tetraoxa-15-azaoctadec-17-en-1-yl}carbamoyl)-2'-fluoro-4-[(3R,5S)-3,4,5-trimethylpiperazin-1-yl][1,1'-biphenyl]-3-yl}-6-oxo-4-(trifluoromethyl)-1,6-dihydropyridine-3-carboxamide"
4 water water
#
loop_
_entity_poly.entity_id
_entity_poly.type
_entity_poly.pdbx_seq_one_letter_code
_entity_poly.pdbx_strand_id
1 'polypeptide(L)'
;MGSSHHHHHHSSGRENLYFQGSSRASAFRPISVFREANEDESGFTCCAFSARERFLMLGTCTGQLKLYNVFSGQEEASYN
CHNSAITHLEPSRDGSLLLTSATWSQPLSALWGMKSVFDMKHSFTEDHYVEFSKHSQDRVIGTKGDIAHIYDIQTGNKLL
TLFNPDLANNYKRNCATFNPTDDLVLNDGVLWDVRSAQAIHKFDKFNMNISGVFHPNGLEVIINTEIWDLRTFHLLHTVP
ALDQCRVVFNHTGTVMYGAMLQADDEDDLMEERMKSPFGSSFRTFNATDYKPIATIDVKRNIFDLCTDTKDCYLAVIENQ
GSMDALNMDTVCRLYEVG
;
B
2 'polypeptide(L)'
;MHHHHHHSSGRENLYFQGTQSKPTPVKPNYALKFTLAGHTKAVSSVKFSPNGEWLASSSADKLIKIWGAYDGKFEKTISG
HKLGISDVAWSSDSNLLVSASDDKTLKIWDVSSGKCLKTLKGHSNYVFCCNFNPQSNLIVSGSFDESVRIWDVKTGKCLK
TLPAHSDPVSAVHFNRDGSLIVSSSYDGLCRIWDTASGQCLKTLIDDDNPPVSFVKFSPNGKYILAATLDNTLKLWDYSK
GKCLKTYTGHKNEKYCIFANFSVTGGKWIVSGSEDNLVYIWNLQTKEIVQKLQGHTDVVISTACHPTENIIASAALENDK
TIKLWKSDC
;
A
#
loop_
_chem_comp.id
_chem_comp.type
_chem_comp.name
_chem_comp.formula
A1AM2 non-polymer N-{(1P)-5'-({(17E)-18-[(3P)-4-{[(1S)-3-amino-1-(3-chloro-4-fluorophenyl)-3-oxopropyl]carbamoyl}-3-(4-chloro-2-fluorophenyl)-1H-pyrrol-2-yl]-16-oxo-3,6,9,12-tetraoxa-15-azaoctadec-17-en-1-yl}carbamoyl)-2'-fluoro-4-[(3R,5S)-3,4,5-trimethylpiperazin-1-yl][1,1'-biphenyl]-3-yl}-6-oxo-4-(trifluoromethyl)-1,6-dihydropyridine-3-carboxamide 'C60 H63 Cl2 F6 N9 O10'
#
# COMPACT_ATOMS: atom_id res chain seq x y z
N ALA A 27 3.35 -35.62 -14.45
CA ALA A 27 2.81 -36.24 -13.26
C ALA A 27 2.90 -35.30 -12.06
N PHE A 28 1.77 -34.74 -11.66
CA PHE A 28 1.68 -33.86 -10.49
C PHE A 28 0.51 -34.36 -9.61
N ARG A 29 0.76 -35.46 -8.92
CA ARG A 29 -0.27 -36.12 -8.12
C ARG A 29 -0.61 -35.27 -6.90
N PRO A 30 -1.88 -34.89 -6.70
CA PRO A 30 -2.23 -34.14 -5.49
C PRO A 30 -1.84 -34.90 -4.24
N ILE A 31 -1.38 -34.17 -3.23
CA ILE A 31 -0.96 -34.74 -1.96
C ILE A 31 -1.73 -34.15 -0.79
N SER A 32 -1.88 -32.83 -0.77
CA SER A 32 -2.65 -32.16 0.27
C SER A 32 -3.11 -30.80 -0.24
N VAL A 33 -4.10 -30.26 0.44
CA VAL A 33 -4.63 -28.93 0.14
C VAL A 33 -5.09 -28.33 1.46
N PHE A 34 -4.94 -27.00 1.58
CA PHE A 34 -5.39 -26.35 2.79
C PHE A 34 -5.51 -24.85 2.56
N ARG A 35 -6.44 -24.24 3.29
CA ARG A 35 -6.67 -22.80 3.30
C ARG A 35 -6.21 -22.22 4.62
N GLU A 36 -6.21 -20.89 4.70
CA GLU A 36 -5.79 -20.22 5.91
C GLU A 36 -6.79 -20.48 7.04
N ALA A 37 -6.27 -20.87 8.19
CA ALA A 37 -7.13 -21.24 9.30
C ALA A 37 -7.84 -20.03 9.87
N ASN A 38 -9.13 -20.20 10.18
CA ASN A 38 -9.94 -19.16 10.81
C ASN A 38 -9.92 -17.88 9.98
N GLU A 39 -10.26 -18.00 8.70
CA GLU A 39 -10.32 -16.84 7.81
C GLU A 39 -11.37 -17.14 6.74
N ASP A 40 -12.51 -16.46 6.80
CA ASP A 40 -13.55 -16.65 5.76
C ASP A 40 -12.94 -16.42 4.37
N GLU A 41 -11.97 -15.49 4.30
CA GLU A 41 -11.29 -15.20 3.02
C GLU A 41 -9.81 -15.55 3.20
N SER A 42 -9.45 -16.73 2.73
CA SER A 42 -8.07 -17.18 2.86
C SER A 42 -7.14 -16.24 2.09
N GLY A 43 -6.05 -15.84 2.73
CA GLY A 43 -5.20 -14.80 2.17
C GLY A 43 -3.75 -15.17 1.90
N PHE A 44 -3.47 -16.44 1.66
CA PHE A 44 -2.13 -16.84 1.25
C PHE A 44 -1.72 -16.09 -0.02
N THR A 45 -0.49 -15.58 -0.03
CA THR A 45 0.03 -14.86 -1.19
C THR A 45 1.37 -15.37 -1.69
N CYS A 46 2.18 -16.02 -0.86
CA CYS A 46 3.48 -16.54 -1.26
C CYS A 46 3.89 -17.62 -0.28
N CYS A 47 4.89 -18.41 -0.68
CA CYS A 47 5.25 -19.57 0.13
C CYS A 47 6.67 -20.02 -0.18
N ALA A 48 7.25 -20.71 0.81
CA ALA A 48 8.54 -21.37 0.66
C ALA A 48 8.66 -22.40 1.77
N PHE A 49 9.27 -23.54 1.47
CA PHE A 49 9.49 -24.55 2.49
C PHE A 49 10.49 -24.04 3.52
N SER A 50 10.23 -24.36 4.78
CA SER A 50 11.09 -23.88 5.87
C SER A 50 12.26 -24.83 6.08
N ALA A 51 13.09 -24.51 7.07
CA ALA A 51 14.22 -25.38 7.39
C ALA A 51 13.77 -26.68 8.05
N ARG A 52 12.65 -26.65 8.76
CA ARG A 52 12.11 -27.83 9.42
C ARG A 52 11.21 -28.59 8.47
N GLU A 53 11.49 -29.88 8.31
CA GLU A 53 10.77 -30.69 7.34
C GLU A 53 9.28 -30.72 7.64
N ARG A 54 8.48 -30.76 6.59
CA ARG A 54 7.02 -30.88 6.60
C ARG A 54 6.32 -29.55 6.81
N PHE A 55 7.03 -28.46 7.00
CA PHE A 55 6.42 -27.17 7.29
C PHE A 55 6.70 -26.17 6.19
N LEU A 56 5.69 -25.39 5.85
CA LEU A 56 5.72 -24.42 4.77
C LEU A 56 5.50 -23.03 5.33
N MET A 57 6.29 -22.08 4.84
CA MET A 57 6.12 -20.66 5.20
C MET A 57 5.21 -20.03 4.15
N LEU A 58 4.24 -19.22 4.56
CA LEU A 58 3.30 -18.56 3.67
C LEU A 58 3.10 -17.12 4.14
N GLY A 59 3.35 -16.17 3.24
CA GLY A 59 2.93 -14.81 3.48
C GLY A 59 1.45 -14.63 3.21
N THR A 60 0.88 -13.58 3.80
CA THR A 60 -0.55 -13.34 3.68
C THR A 60 -0.82 -11.94 3.18
N CYS A 61 -2.05 -11.72 2.73
CA CYS A 61 -2.48 -10.41 2.25
C CYS A 61 -2.59 -9.37 3.35
N THR A 62 -2.51 -9.77 4.61
CA THR A 62 -2.51 -8.83 5.73
C THR A 62 -1.13 -8.66 6.34
N GLY A 63 -0.09 -9.09 5.64
CA GLY A 63 1.28 -8.87 6.09
C GLY A 63 1.81 -9.88 7.07
N GLN A 64 1.12 -11.01 7.26
CA GLN A 64 1.55 -12.02 8.22
C GLN A 64 2.41 -13.08 7.53
N LEU A 65 3.35 -13.62 8.28
CA LEU A 65 4.11 -14.80 7.90
C LEU A 65 3.65 -15.95 8.77
N LYS A 66 3.15 -17.02 8.15
CA LYS A 66 2.58 -18.14 8.89
C LYS A 66 3.30 -19.42 8.54
N LEU A 67 3.45 -20.28 9.55
CA LEU A 67 4.08 -21.59 9.41
C LEU A 67 2.99 -22.64 9.54
N TYR A 68 2.87 -23.49 8.50
CA TYR A 68 1.84 -24.50 8.40
C TYR A 68 2.45 -25.88 8.20
N ASN A 69 1.74 -26.90 8.68
CA ASN A 69 2.07 -28.29 8.35
C ASN A 69 1.43 -28.63 7.02
N VAL A 70 2.26 -28.86 5.98
CA VAL A 70 1.74 -29.01 4.63
C VAL A 70 0.95 -30.29 4.46
N PHE A 71 1.11 -31.27 5.36
CA PHE A 71 0.39 -32.52 5.23
C PHE A 71 -0.92 -32.53 6.02
N SER A 72 -0.94 -31.94 7.20
CA SER A 72 -2.15 -31.88 8.01
C SER A 72 -2.96 -30.62 7.75
N GLY A 73 -2.34 -29.56 7.25
CA GLY A 73 -3.03 -28.30 7.06
C GLY A 73 -3.17 -27.46 8.31
N GLN A 74 -2.49 -27.83 9.39
CA GLN A 74 -2.60 -27.11 10.66
C GLN A 74 -1.64 -25.94 10.69
N GLU A 75 -2.14 -24.78 11.11
CA GLU A 75 -1.29 -23.62 11.31
C GLU A 75 -0.47 -23.80 12.58
N GLU A 76 0.86 -23.71 12.44
N GLU A 76 0.86 -23.72 12.44
CA GLU A 76 1.78 -23.86 13.56
CA GLU A 76 1.76 -23.86 13.57
C GLU A 76 2.16 -22.52 14.17
C GLU A 76 2.17 -22.53 14.18
N ALA A 77 2.39 -21.50 13.35
CA ALA A 77 2.81 -20.21 13.89
C ALA A 77 2.36 -19.08 12.98
N SER A 78 2.40 -17.86 13.54
CA SER A 78 2.05 -16.65 12.82
C SER A 78 2.82 -15.48 13.42
N TYR A 79 3.38 -14.63 12.54
CA TYR A 79 4.13 -13.46 12.95
C TYR A 79 3.73 -12.27 12.10
N ASN A 80 3.72 -11.09 12.72
CA ASN A 80 3.44 -9.86 12.01
C ASN A 80 4.73 -9.36 11.37
N CYS A 81 4.71 -9.16 10.05
CA CYS A 81 5.87 -8.67 9.33
C CYS A 81 5.65 -7.32 8.67
N HIS A 82 4.48 -7.09 8.10
CA HIS A 82 4.19 -5.83 7.43
C HIS A 82 2.73 -5.47 7.61
N ASN A 83 2.40 -4.20 7.38
CA ASN A 83 1.02 -3.74 7.38
C ASN A 83 0.44 -3.68 5.97
N SER A 84 1.04 -4.40 5.02
CA SER A 84 0.47 -4.63 3.70
C SER A 84 0.77 -6.06 3.29
N ALA A 85 0.16 -6.49 2.19
CA ALA A 85 0.26 -7.88 1.78
C ALA A 85 1.70 -8.23 1.40
N ILE A 86 2.11 -9.45 1.75
CA ILE A 86 3.42 -9.95 1.37
C ILE A 86 3.37 -10.43 -0.07
N THR A 87 4.32 -9.95 -0.88
CA THR A 87 4.38 -10.34 -2.29
C THR A 87 5.34 -11.49 -2.54
N HIS A 88 6.43 -11.56 -1.80
CA HIS A 88 7.48 -12.53 -2.08
C HIS A 88 8.32 -12.71 -0.82
N LEU A 89 8.86 -13.92 -0.66
CA LEU A 89 9.75 -14.20 0.46
C LEU A 89 10.78 -15.23 0.03
N GLU A 90 11.87 -15.30 0.80
CA GLU A 90 12.91 -16.30 0.55
C GLU A 90 13.63 -16.67 1.84
N PRO A 91 13.60 -17.93 2.24
CA PRO A 91 14.39 -18.37 3.39
C PRO A 91 15.80 -18.74 2.98
N SER A 92 16.78 -18.29 3.78
CA SER A 92 18.15 -18.72 3.58
C SER A 92 18.25 -20.23 3.73
N ARG A 93 19.31 -20.80 3.15
CA ARG A 93 19.42 -22.26 3.13
C ARG A 93 19.70 -22.83 4.51
N ASP A 94 20.36 -22.08 5.39
CA ASP A 94 20.72 -22.59 6.71
C ASP A 94 19.61 -22.39 7.75
N GLY A 95 18.48 -21.81 7.36
CA GLY A 95 17.34 -21.68 8.24
C GLY A 95 17.41 -20.57 9.26
N SER A 96 18.41 -19.69 9.18
CA SER A 96 18.57 -18.64 10.18
C SER A 96 17.97 -17.31 9.76
N LEU A 97 17.69 -17.10 8.47
CA LEU A 97 17.25 -15.80 7.98
C LEU A 97 16.10 -15.96 7.02
N LEU A 98 15.33 -14.88 6.86
CA LEU A 98 14.19 -14.85 5.96
C LEU A 98 14.07 -13.48 5.33
N LEU A 99 13.90 -13.45 4.01
CA LEU A 99 13.63 -12.20 3.30
C LEU A 99 12.15 -12.09 2.98
N THR A 100 11.59 -10.91 3.22
CA THR A 100 10.22 -10.62 2.86
C THR A 100 10.15 -9.32 2.08
N SER A 101 9.14 -9.20 1.23
CA SER A 101 8.80 -7.98 0.53
C SER A 101 7.31 -7.75 0.63
N ALA A 102 6.92 -6.51 0.91
CA ALA A 102 5.52 -6.16 1.07
C ALA A 102 5.02 -5.40 -0.15
N THR A 103 3.76 -4.99 -0.10
CA THR A 103 3.09 -4.29 -1.18
C THR A 103 3.12 -2.78 -1.04
N TRP A 104 2.84 -2.26 0.16
CA TRP A 104 2.72 -0.83 0.38
C TRP A 104 2.96 -0.53 1.85
N SER A 105 4.19 -0.75 2.31
CA SER A 105 4.52 -0.54 3.71
C SER A 105 5.96 -0.04 3.81
N GLN A 106 6.32 0.41 5.02
CA GLN A 106 7.65 0.94 5.30
C GLN A 106 8.19 0.21 6.51
N PRO A 107 9.30 -0.53 6.39
CA PRO A 107 10.12 -0.72 5.18
C PRO A 107 9.40 -1.56 4.14
N LEU A 108 9.78 -1.47 2.86
CA LEU A 108 9.12 -2.28 1.81
C LEU A 108 9.62 -3.73 1.88
N SER A 109 10.90 -3.93 2.12
CA SER A 109 11.43 -5.28 2.27
C SER A 109 12.18 -5.40 3.58
N ALA A 110 12.37 -6.63 4.05
CA ALA A 110 12.98 -6.83 5.35
C ALA A 110 13.70 -8.16 5.42
N LEU A 111 14.68 -8.22 6.32
CA LEU A 111 15.44 -9.43 6.64
C LEU A 111 15.20 -9.76 8.12
N TRP A 112 14.66 -10.95 8.32
CA TRP A 112 14.25 -11.39 9.67
C TRP A 112 15.12 -12.53 10.17
N GLY A 113 15.30 -12.58 11.49
CA GLY A 113 16.03 -13.69 12.09
C GLY A 113 15.02 -14.75 12.46
N MET A 114 15.37 -16.00 12.18
CA MET A 114 14.42 -17.12 12.46
C MET A 114 15.02 -18.04 13.53
N LYS A 115 16.30 -17.87 13.88
CA LYS A 115 16.96 -18.78 14.85
C LYS A 115 16.44 -18.42 16.24
N SER A 116 15.88 -19.42 16.93
CA SER A 116 15.30 -19.18 18.26
C SER A 116 14.12 -18.20 18.13
N VAL A 117 14.33 -16.93 18.43
CA VAL A 117 13.19 -15.96 18.42
C VAL A 117 13.05 -15.35 17.03
N PHE A 118 11.83 -14.93 16.68
CA PHE A 118 11.63 -14.32 15.38
C PHE A 118 11.65 -12.80 15.52
N ASP A 119 12.63 -12.15 14.87
CA ASP A 119 12.79 -10.71 14.95
C ASP A 119 13.28 -10.20 13.61
N MET A 120 13.26 -8.87 13.46
CA MET A 120 13.77 -8.23 12.25
C MET A 120 15.23 -7.89 12.45
N LYS A 121 16.09 -8.45 11.59
CA LYS A 121 17.51 -8.09 11.62
C LYS A 121 17.75 -6.77 10.92
N HIS A 122 17.22 -6.61 9.70
CA HIS A 122 17.47 -5.40 8.94
C HIS A 122 16.26 -5.08 8.08
N SER A 123 16.22 -3.84 7.59
CA SER A 123 15.17 -3.40 6.68
C SER A 123 15.79 -2.82 5.43
N PHE A 124 15.09 -2.97 4.32
CA PHE A 124 15.46 -2.39 3.03
C PHE A 124 14.26 -1.53 2.64
N THR A 125 14.42 -0.22 2.79
CA THR A 125 13.29 0.68 2.94
C THR A 125 12.39 0.67 1.71
N GLU A 126 12.95 0.94 0.54
CA GLU A 126 12.15 1.11 -0.67
C GLU A 126 12.44 0.05 -1.73
N ASP A 127 13.19 -0.99 -1.39
CA ASP A 127 13.37 -2.11 -2.30
C ASP A 127 12.08 -2.94 -2.32
N HIS A 128 11.43 -2.99 -3.49
CA HIS A 128 10.20 -3.77 -3.63
C HIS A 128 10.45 -5.26 -3.77
N TYR A 129 11.71 -5.68 -3.93
CA TYR A 129 12.04 -7.08 -4.15
C TYR A 129 13.47 -7.30 -3.66
N VAL A 130 13.70 -8.45 -3.02
CA VAL A 130 15.00 -8.77 -2.45
C VAL A 130 15.29 -10.25 -2.62
N GLU A 131 16.57 -10.56 -2.83
CA GLU A 131 17.07 -11.92 -2.92
C GLU A 131 18.33 -12.05 -2.08
N PHE A 132 18.62 -13.28 -1.66
CA PHE A 132 19.92 -13.59 -1.09
C PHE A 132 20.95 -13.76 -2.19
N SER A 133 22.21 -13.49 -1.86
CA SER A 133 23.27 -14.02 -2.69
C SER A 133 23.17 -15.54 -2.71
N LYS A 134 23.80 -16.16 -3.71
CA LYS A 134 23.53 -17.55 -4.02
C LYS A 134 24.61 -18.52 -3.56
N HIS A 135 25.87 -18.26 -3.83
CA HIS A 135 26.92 -19.17 -3.36
C HIS A 135 27.06 -19.05 -1.85
N SER A 136 27.64 -17.95 -1.37
CA SER A 136 27.68 -17.63 0.04
C SER A 136 26.61 -16.60 0.32
N GLN A 137 25.70 -16.92 1.25
CA GLN A 137 24.55 -16.06 1.53
C GLN A 137 24.86 -15.09 2.67
N ASP A 138 25.75 -14.16 2.34
CA ASP A 138 26.21 -13.14 3.32
C ASP A 138 25.78 -11.76 2.85
N ARG A 139 25.08 -11.69 1.72
CA ARG A 139 24.64 -10.41 1.19
C ARG A 139 23.22 -10.53 0.67
N VAL A 140 22.57 -9.38 0.56
CA VAL A 140 21.22 -9.27 0.02
C VAL A 140 21.26 -8.31 -1.17
N ILE A 141 20.53 -8.63 -2.22
CA ILE A 141 20.39 -7.75 -3.38
C ILE A 141 18.93 -7.38 -3.51
N GLY A 142 18.63 -6.10 -3.37
CA GLY A 142 17.29 -5.59 -3.53
C GLY A 142 17.17 -4.71 -4.77
N THR A 143 15.94 -4.47 -5.19
CA THR A 143 15.67 -3.71 -6.41
C THR A 143 14.71 -2.58 -6.11
N LYS A 144 15.04 -1.39 -6.64
CA LYS A 144 14.15 -0.23 -6.58
C LYS A 144 14.12 0.40 -7.97
N GLY A 145 13.01 0.21 -8.67
CA GLY A 145 12.95 0.68 -10.04
C GLY A 145 14.05 0.05 -10.88
N ASP A 146 14.84 0.90 -11.53
CA ASP A 146 15.94 0.47 -12.38
C ASP A 146 17.23 0.25 -11.60
N ILE A 147 17.24 0.46 -10.29
CA ILE A 147 18.45 0.48 -9.49
C ILE A 147 18.53 -0.80 -8.67
N ALA A 148 19.75 -1.32 -8.52
CA ALA A 148 20.02 -2.46 -7.66
C ALA A 148 20.81 -2.00 -6.44
N HIS A 149 20.53 -2.59 -5.28
CA HIS A 149 21.23 -2.31 -4.04
C HIS A 149 21.79 -3.62 -3.49
N ILE A 150 23.07 -3.62 -3.12
CA ILE A 150 23.72 -4.78 -2.53
C ILE A 150 24.12 -4.42 -1.11
N TYR A 151 23.60 -5.18 -0.14
CA TYR A 151 23.77 -4.96 1.29
C TYR A 151 24.54 -6.12 1.91
N ASP A 152 25.29 -5.82 2.95
CA ASP A 152 25.91 -6.84 3.78
C ASP A 152 24.91 -7.33 4.83
N ILE A 153 24.80 -8.66 4.97
CA ILE A 153 23.81 -9.22 5.87
C ILE A 153 24.11 -8.85 7.32
N GLN A 154 25.39 -8.89 7.70
CA GLN A 154 25.75 -8.64 9.10
C GLN A 154 25.53 -7.18 9.46
N THR A 155 26.27 -6.27 8.82
CA THR A 155 26.14 -4.86 9.12
C THR A 155 24.81 -4.28 8.62
N GLY A 156 24.20 -4.90 7.62
CA GLY A 156 23.05 -4.28 6.98
C GLY A 156 23.38 -3.07 6.15
N ASN A 157 24.67 -2.80 5.93
CA ASN A 157 25.08 -1.62 5.17
C ASN A 157 24.93 -1.86 3.68
N LYS A 158 24.57 -0.79 2.97
CA LYS A 158 24.47 -0.88 1.50
C LYS A 158 25.89 -0.83 0.95
N LEU A 159 26.34 -1.95 0.42
CA LEU A 159 27.70 -2.03 -0.11
C LEU A 159 27.80 -1.44 -1.50
N LEU A 160 26.79 -1.68 -2.34
CA LEU A 160 26.86 -1.21 -3.73
C LEU A 160 25.50 -0.68 -4.17
N THR A 161 25.54 0.32 -5.05
CA THR A 161 24.36 0.79 -5.78
C THR A 161 24.69 0.68 -7.27
N LEU A 162 24.02 -0.23 -7.96
CA LEU A 162 24.26 -0.50 -9.37
C LEU A 162 23.19 0.16 -10.21
N PHE A 163 23.61 1.04 -11.12
CA PHE A 163 22.74 1.71 -12.09
C PHE A 163 23.60 2.49 -13.07
N ASN A 164 23.24 2.43 -14.35
CA ASN A 164 23.92 3.17 -15.40
C ASN A 164 22.87 3.74 -16.36
N PRO A 165 22.67 5.06 -16.39
CA PRO A 165 21.65 5.61 -17.29
C PRO A 165 21.96 5.41 -18.76
N ASP A 166 23.23 5.25 -19.13
CA ASP A 166 23.56 4.94 -20.51
C ASP A 166 23.03 3.58 -20.93
N LEU A 167 23.21 2.57 -20.07
CA LEU A 167 22.89 1.19 -20.39
C LEU A 167 21.52 0.76 -19.89
N ALA A 168 20.78 1.63 -19.21
CA ALA A 168 19.53 1.23 -18.60
C ALA A 168 18.53 0.76 -19.65
N ASN A 169 17.70 -0.22 -19.26
CA ASN A 169 16.62 -0.73 -20.10
C ASN A 169 15.23 -0.31 -19.61
N ASN A 170 15.07 0.02 -18.33
CA ASN A 170 13.80 0.49 -17.78
C ASN A 170 12.74 -0.61 -17.78
N TYR A 171 13.15 -1.85 -17.53
CA TYR A 171 12.18 -2.94 -17.45
C TYR A 171 11.18 -2.67 -16.33
N LYS A 172 9.89 -2.73 -16.65
CA LYS A 172 8.85 -2.35 -15.67
C LYS A 172 8.80 -3.33 -14.49
N ARG A 173 9.16 -4.59 -14.72
CA ARG A 173 9.19 -5.57 -13.65
C ARG A 173 10.62 -5.98 -13.31
N ASN A 174 11.55 -5.02 -13.34
CA ASN A 174 12.95 -5.34 -13.12
C ASN A 174 13.18 -5.96 -11.75
N CYS A 175 14.06 -6.96 -11.70
CA CYS A 175 14.47 -7.60 -10.46
C CYS A 175 15.94 -7.95 -10.57
N ALA A 176 16.77 -7.33 -9.73
CA ALA A 176 18.21 -7.59 -9.74
C ALA A 176 18.50 -8.92 -9.06
N THR A 177 19.55 -9.60 -9.54
CA THR A 177 19.84 -10.94 -9.07
C THR A 177 21.32 -11.26 -9.26
N PHE A 178 21.88 -12.02 -8.32
CA PHE A 178 23.23 -12.55 -8.43
C PHE A 178 23.25 -13.75 -9.37
N ASN A 179 24.43 -14.04 -9.89
CA ASN A 179 24.66 -15.31 -10.56
C ASN A 179 25.12 -16.35 -9.56
N PRO A 180 25.18 -17.62 -9.96
CA PRO A 180 25.42 -18.69 -8.97
C PRO A 180 26.69 -18.53 -8.15
N THR A 181 27.76 -17.97 -8.72
CA THR A 181 29.00 -17.79 -7.98
C THR A 181 29.13 -16.39 -7.37
N ASP A 182 28.06 -15.60 -7.39
CA ASP A 182 27.95 -14.29 -6.76
C ASP A 182 28.93 -13.25 -7.30
N ASP A 183 29.69 -13.57 -8.35
CA ASP A 183 30.64 -12.62 -8.93
C ASP A 183 30.03 -11.74 -10.00
N LEU A 184 28.84 -12.06 -10.49
CA LEU A 184 28.15 -11.26 -11.49
C LEU A 184 26.75 -10.91 -11.00
N VAL A 185 26.24 -9.79 -11.48
CA VAL A 185 24.89 -9.35 -11.16
C VAL A 185 24.17 -9.00 -12.45
N LEU A 186 22.85 -9.19 -12.46
CA LEU A 186 22.01 -8.83 -13.59
C LEU A 186 20.97 -7.85 -13.11
N ASN A 187 20.95 -6.65 -13.69
CA ASN A 187 20.01 -5.62 -13.27
C ASN A 187 19.52 -4.87 -14.50
N ASP A 188 18.21 -4.87 -14.71
CA ASP A 188 17.61 -4.15 -15.83
C ASP A 188 18.15 -4.65 -17.17
N GLY A 189 18.55 -5.92 -17.22
CA GLY A 189 19.14 -6.48 -18.42
C GLY A 189 20.58 -6.10 -18.64
N VAL A 190 21.26 -5.58 -17.63
CA VAL A 190 22.66 -5.18 -17.71
C VAL A 190 23.48 -6.12 -16.84
N LEU A 191 24.60 -6.61 -17.39
CA LEU A 191 25.50 -7.51 -16.70
C LEU A 191 26.58 -6.70 -16.00
N TRP A 192 26.67 -6.84 -14.68
CA TRP A 192 27.61 -6.11 -13.86
C TRP A 192 28.63 -7.06 -13.26
N ASP A 193 29.90 -6.62 -13.27
CA ASP A 193 30.96 -7.29 -12.54
C ASP A 193 31.00 -6.74 -11.12
N VAL A 194 30.71 -7.60 -10.13
CA VAL A 194 30.57 -7.13 -8.76
C VAL A 194 31.89 -6.57 -8.24
N ARG A 195 32.99 -7.26 -8.53
CA ARG A 195 34.29 -6.86 -7.97
C ARG A 195 34.61 -5.41 -8.32
N SER A 196 34.49 -5.04 -9.59
CA SER A 196 34.79 -3.69 -10.03
C SER A 196 33.56 -2.78 -10.05
N ALA A 197 32.37 -3.32 -9.82
CA ALA A 197 31.14 -2.54 -9.88
C ALA A 197 30.98 -1.88 -11.24
N GLN A 198 31.32 -2.61 -12.29
CA GLN A 198 31.35 -2.08 -13.65
C GLN A 198 30.48 -2.94 -14.56
N ALA A 199 29.51 -2.32 -15.23
CA ALA A 199 28.70 -3.03 -16.21
C ALA A 199 29.59 -3.51 -17.35
N ILE A 200 29.47 -4.79 -17.69
CA ILE A 200 30.30 -5.37 -18.74
C ILE A 200 29.56 -5.58 -20.06
N HIS A 201 28.22 -5.56 -20.05
CA HIS A 201 27.49 -5.79 -21.29
C HIS A 201 26.01 -5.49 -21.06
N LYS A 202 25.40 -4.82 -22.03
CA LYS A 202 23.96 -4.54 -22.02
C LYS A 202 23.28 -5.48 -23.01
N PHE A 203 22.35 -6.29 -22.52
CA PHE A 203 21.52 -7.10 -23.39
C PHE A 203 20.38 -6.26 -23.94
N ASP A 204 20.14 -6.35 -25.25
CA ASP A 204 19.14 -5.50 -25.88
C ASP A 204 17.75 -5.77 -25.33
N LYS A 205 16.90 -4.76 -25.43
CA LYS A 205 15.56 -4.81 -24.84
C LYS A 205 14.57 -5.33 -25.87
N PHE A 206 14.00 -6.51 -25.61
CA PHE A 206 13.02 -7.12 -26.51
C PHE A 206 11.68 -7.35 -25.85
N ASN A 207 11.45 -6.77 -24.67
CA ASN A 207 10.13 -6.80 -24.04
C ASN A 207 10.11 -5.68 -23.00
N MET A 208 8.92 -5.41 -22.48
CA MET A 208 8.74 -4.24 -21.62
C MET A 208 8.92 -4.53 -20.13
N ASN A 209 8.85 -5.79 -19.70
CA ASN A 209 8.68 -6.09 -18.29
C ASN A 209 9.80 -6.94 -17.70
N ILE A 210 10.13 -8.06 -18.32
CA ILE A 210 11.01 -9.07 -17.72
C ILE A 210 12.46 -8.69 -17.98
N SER A 211 13.28 -8.72 -16.92
CA SER A 211 14.67 -8.32 -17.01
C SER A 211 15.64 -9.50 -17.04
N GLY A 212 15.19 -10.71 -16.74
CA GLY A 212 16.00 -11.90 -16.93
C GLY A 212 16.63 -12.39 -15.64
N VAL A 213 17.13 -13.62 -15.71
CA VAL A 213 17.75 -14.31 -14.58
C VAL A 213 18.93 -15.13 -15.08
N PHE A 214 19.72 -15.64 -14.14
CA PHE A 214 20.82 -16.54 -14.44
C PHE A 214 20.36 -17.99 -14.41
N HIS A 215 20.75 -18.75 -15.42
CA HIS A 215 20.57 -20.19 -15.37
C HIS A 215 21.48 -20.77 -14.29
N PRO A 216 20.99 -21.73 -13.50
CA PRO A 216 21.84 -22.30 -12.43
C PRO A 216 23.15 -22.87 -12.93
N ASN A 217 23.26 -23.21 -14.21
CA ASN A 217 24.51 -23.73 -14.74
C ASN A 217 25.59 -22.67 -14.87
N GLY A 218 25.26 -21.40 -14.63
CA GLY A 218 26.21 -20.31 -14.76
C GLY A 218 26.73 -20.06 -16.15
N LEU A 219 26.19 -20.74 -17.17
CA LEU A 219 26.67 -20.61 -18.53
C LEU A 219 25.84 -19.68 -19.39
N GLU A 220 24.60 -19.39 -19.00
CA GLU A 220 23.73 -18.61 -19.86
C GLU A 220 22.78 -17.77 -19.00
N VAL A 221 22.16 -16.80 -19.68
CA VAL A 221 21.16 -15.91 -19.03
C VAL A 221 19.82 -16.06 -19.76
N ILE A 222 18.74 -16.10 -18.99
CA ILE A 222 17.38 -16.28 -19.50
C ILE A 222 16.66 -14.95 -19.33
N ILE A 223 16.47 -14.22 -20.43
CA ILE A 223 15.86 -12.89 -20.42
C ILE A 223 14.59 -12.99 -21.26
N ASN A 224 13.45 -13.14 -20.59
CA ASN A 224 12.19 -13.36 -21.28
C ASN A 224 12.32 -14.55 -22.23
N THR A 225 12.11 -14.32 -23.52
CA THR A 225 12.16 -15.38 -24.51
C THR A 225 13.55 -15.61 -25.10
N GLU A 226 14.55 -14.82 -24.71
CA GLU A 226 15.89 -14.94 -25.25
C GLU A 226 16.80 -15.66 -24.26
N ILE A 227 17.45 -16.73 -24.73
CA ILE A 227 18.44 -17.45 -23.95
C ILE A 227 19.80 -17.12 -24.54
N TRP A 228 20.57 -16.31 -23.81
CA TRP A 228 21.88 -15.82 -24.24
C TRP A 228 23.00 -16.65 -23.61
N ASP A 229 24.07 -16.85 -24.37
CA ASP A 229 25.28 -17.45 -23.83
C ASP A 229 26.11 -16.40 -23.11
N LEU A 230 26.57 -16.73 -21.90
CA LEU A 230 27.35 -15.78 -21.12
C LEU A 230 28.72 -15.51 -21.75
N ARG A 231 29.37 -16.56 -22.25
CA ARG A 231 30.72 -16.40 -22.79
C ARG A 231 30.72 -15.50 -24.02
N THR A 232 29.89 -15.82 -25.00
CA THR A 232 29.94 -15.20 -26.31
C THR A 232 28.80 -14.22 -26.58
N PHE A 233 27.83 -14.11 -25.67
CA PHE A 233 26.66 -13.26 -25.84
C PHE A 233 25.83 -13.64 -27.07
N HIS A 234 26.07 -14.83 -27.63
CA HIS A 234 25.24 -15.30 -28.74
C HIS A 234 23.85 -15.66 -28.24
N LEU A 235 22.88 -15.61 -29.14
CA LEU A 235 21.52 -16.04 -28.84
C LEU A 235 21.47 -17.55 -28.94
N LEU A 236 21.37 -18.23 -27.80
CA LEU A 236 21.36 -19.69 -27.81
C LEU A 236 19.97 -20.24 -28.09
N HIS A 237 18.93 -19.59 -27.57
CA HIS A 237 17.58 -20.12 -27.78
C HIS A 237 16.55 -19.01 -27.91
N THR A 238 15.57 -19.25 -28.78
CA THR A 238 14.33 -18.49 -28.81
C THR A 238 13.24 -19.36 -28.20
N VAL A 239 12.69 -18.91 -27.08
CA VAL A 239 11.69 -19.68 -26.36
C VAL A 239 10.43 -18.84 -26.18
N PRO A 240 9.55 -18.80 -27.18
CA PRO A 240 8.36 -17.92 -27.08
C PRO A 240 7.49 -18.22 -25.87
N ALA A 241 7.49 -19.46 -25.38
CA ALA A 241 6.63 -19.83 -24.26
C ALA A 241 7.05 -19.17 -22.96
N LEU A 242 8.27 -18.66 -22.87
CA LEU A 242 8.74 -18.00 -21.66
C LEU A 242 8.36 -16.52 -21.60
N ASP A 243 7.57 -16.04 -22.55
CA ASP A 243 7.25 -14.61 -22.60
C ASP A 243 6.48 -14.20 -21.35
N GLN A 244 7.01 -13.20 -20.64
CA GLN A 244 6.40 -12.65 -19.44
C GLN A 244 6.41 -13.62 -18.28
N CYS A 245 7.32 -14.59 -18.29
CA CYS A 245 7.32 -15.66 -17.30
C CYS A 245 8.35 -15.40 -16.20
N ARG A 246 7.97 -15.75 -14.98
CA ARG A 246 8.92 -15.95 -13.89
C ARG A 246 9.27 -17.44 -13.83
N VAL A 247 10.53 -17.73 -13.50
CA VAL A 247 11.05 -19.09 -13.58
C VAL A 247 11.73 -19.49 -12.28
N VAL A 248 11.71 -20.78 -12.01
CA VAL A 248 12.41 -21.38 -10.87
C VAL A 248 12.82 -22.79 -11.25
N PHE A 249 14.03 -23.18 -10.85
CA PHE A 249 14.56 -24.48 -11.23
C PHE A 249 14.46 -25.46 -10.08
N ASN A 250 14.36 -26.75 -10.42
CA ASN A 250 14.60 -27.76 -9.41
C ASN A 250 16.04 -27.67 -8.94
N HIS A 251 16.34 -28.35 -7.84
CA HIS A 251 17.63 -28.14 -7.20
C HIS A 251 18.78 -28.87 -7.91
N THR A 252 18.48 -29.76 -8.85
CA THR A 252 19.52 -30.37 -9.68
C THR A 252 19.74 -29.61 -10.98
N GLY A 253 19.04 -28.49 -11.19
CA GLY A 253 19.23 -27.69 -12.38
C GLY A 253 18.83 -28.35 -13.67
N THR A 254 17.85 -29.26 -13.64
CA THR A 254 17.46 -30.04 -14.80
C THR A 254 16.06 -29.75 -15.31
N VAL A 255 15.18 -29.17 -14.50
CA VAL A 255 13.84 -28.80 -14.92
C VAL A 255 13.58 -27.37 -14.48
N MET A 256 12.87 -26.62 -15.32
CA MET A 256 12.57 -25.20 -15.06
C MET A 256 11.07 -25.01 -15.12
N TYR A 257 10.49 -24.52 -14.03
CA TYR A 257 9.10 -24.12 -14.00
C TYR A 257 8.99 -22.65 -14.39
N GLY A 258 8.08 -22.36 -15.30
CA GLY A 258 7.81 -20.99 -15.71
C GLY A 258 6.32 -20.71 -15.68
N ALA A 259 5.97 -19.52 -15.18
CA ALA A 259 4.58 -19.09 -15.14
C ALA A 259 4.46 -17.68 -15.69
N MET A 260 3.42 -17.45 -16.48
CA MET A 260 3.23 -16.17 -17.14
C MET A 260 2.56 -15.18 -16.18
N LEU A 261 3.14 -13.99 -16.07
CA LEU A 261 2.55 -12.94 -15.25
C LEU A 261 1.17 -12.56 -15.77
N GLN A 262 0.35 -12.05 -14.87
CA GLN A 262 -1.00 -11.58 -15.26
C GLN A 262 -0.85 -10.27 -16.04
N ALA A 263 -1.45 -10.22 -17.22
CA ALA A 263 -1.40 -9.01 -18.03
C ALA A 263 -2.12 -7.86 -17.33
N ASP A 264 -1.56 -6.66 -17.44
CA ASP A 264 -2.09 -5.49 -16.74
C ASP A 264 -3.11 -4.71 -17.55
N ASP A 265 -3.19 -5.01 -18.85
CA ASP A 265 -4.21 -4.38 -19.74
C ASP A 265 -4.12 -2.85 -19.64
N GLU A 266 -5.26 -2.19 -19.49
CA GLU A 266 -5.26 -0.71 -19.33
C GLU A 266 -6.52 -0.33 -18.56
N ASP A 267 -7.56 0.10 -19.27
CA ASP A 267 -8.85 0.39 -18.60
C ASP A 267 -9.65 -0.90 -18.53
N ASP A 268 -8.96 -1.99 -18.18
CA ASP A 268 -9.65 -3.29 -18.03
C ASP A 268 -10.67 -3.18 -16.91
N LEU A 269 -11.64 -4.07 -16.93
CA LEU A 269 -12.67 -4.10 -15.90
C LEU A 269 -12.03 -4.08 -14.52
N MET A 270 -12.77 -3.45 -13.61
CA MET A 270 -12.32 -3.60 -12.21
C MET A 270 -12.53 -5.09 -11.95
N GLU A 271 -12.18 -5.55 -10.77
CA GLU A 271 -12.27 -6.97 -10.45
C GLU A 271 -11.23 -7.76 -11.24
N GLU A 272 -10.84 -7.23 -12.41
CA GLU A 272 -9.77 -7.80 -13.21
C GLU A 272 -8.43 -7.13 -13.00
N ARG A 273 -8.42 -5.92 -12.44
CA ARG A 273 -7.19 -5.16 -12.22
C ARG A 273 -6.36 -5.84 -11.13
N MET A 274 -5.19 -6.35 -11.51
CA MET A 274 -4.28 -7.09 -10.62
C MET A 274 -5.02 -8.31 -10.11
N LYS A 275 -5.32 -8.38 -8.81
CA LYS A 275 -6.09 -9.53 -8.25
C LYS A 275 -5.23 -10.81 -8.20
N SER A 276 -4.23 -10.99 -9.06
CA SER A 276 -3.32 -12.13 -8.97
C SER A 276 -2.05 -11.83 -9.73
N PRO A 277 -0.89 -12.26 -9.24
CA PRO A 277 0.36 -11.97 -9.97
C PRO A 277 0.51 -12.79 -11.24
N PHE A 278 0.01 -14.02 -11.27
CA PHE A 278 0.19 -14.89 -12.42
C PHE A 278 -1.16 -15.31 -12.98
N GLY A 279 -1.10 -15.91 -14.17
CA GLY A 279 -2.27 -16.57 -14.73
C GLY A 279 -2.54 -17.87 -14.02
N SER A 280 -3.30 -18.74 -14.68
CA SER A 280 -3.77 -19.99 -14.09
C SER A 280 -2.94 -21.19 -14.52
N SER A 281 -1.82 -20.98 -15.21
CA SER A 281 -1.05 -22.09 -15.74
C SER A 281 0.44 -21.90 -15.47
N PHE A 282 1.14 -23.03 -15.38
CA PHE A 282 2.59 -23.03 -15.37
C PHE A 282 3.10 -24.22 -16.18
N ARG A 283 4.29 -24.08 -16.73
CA ARG A 283 4.86 -25.08 -17.61
C ARG A 283 6.23 -25.51 -17.10
N THR A 284 6.63 -26.71 -17.48
CA THR A 284 7.96 -27.23 -17.17
C THR A 284 8.76 -27.38 -18.45
N PHE A 285 10.04 -27.03 -18.36
CA PHE A 285 10.96 -27.06 -19.48
C PHE A 285 12.18 -27.90 -19.10
N ASN A 286 12.70 -28.62 -20.08
CA ASN A 286 14.02 -29.23 -19.93
C ASN A 286 15.05 -28.12 -19.77
N ALA A 287 15.79 -28.15 -18.66
CA ALA A 287 16.69 -27.05 -18.33
C ALA A 287 17.93 -26.99 -19.23
N THR A 288 18.10 -27.93 -20.15
CA THR A 288 19.25 -27.95 -21.04
C THR A 288 18.92 -27.54 -22.47
N ASP A 289 17.83 -28.05 -23.03
CA ASP A 289 17.42 -27.69 -24.38
C ASP A 289 16.16 -26.82 -24.40
N TYR A 290 15.61 -26.47 -23.24
CA TYR A 290 14.46 -25.59 -23.10
C TYR A 290 13.22 -26.08 -23.82
N LYS A 291 13.19 -27.36 -24.22
CA LYS A 291 11.99 -27.87 -24.85
C LYS A 291 10.90 -28.12 -23.81
N PRO A 292 9.64 -27.98 -24.20
CA PRO A 292 8.55 -28.15 -23.23
C PRO A 292 8.47 -29.58 -22.71
N ILE A 293 8.05 -29.70 -21.45
CA ILE A 293 7.79 -31.00 -20.82
C ILE A 293 6.31 -31.18 -20.54
N ALA A 294 5.71 -30.25 -19.80
CA ALA A 294 4.30 -30.34 -19.45
C ALA A 294 3.74 -28.95 -19.25
N THR A 295 2.44 -28.80 -19.50
CA THR A 295 1.70 -27.58 -19.26
C THR A 295 0.54 -27.89 -18.33
N ILE A 296 0.47 -27.20 -17.19
CA ILE A 296 -0.54 -27.46 -16.19
C ILE A 296 -1.38 -26.20 -16.03
N ASP A 297 -2.66 -26.30 -16.39
CA ASP A 297 -3.63 -25.23 -16.15
C ASP A 297 -4.50 -25.66 -14.98
N VAL A 298 -4.23 -25.07 -13.81
CA VAL A 298 -4.97 -25.42 -12.60
C VAL A 298 -6.35 -24.75 -12.54
N LYS A 299 -6.69 -23.93 -13.53
CA LYS A 299 -7.98 -23.25 -13.63
C LYS A 299 -8.19 -22.24 -12.50
N ARG A 300 -7.14 -21.89 -11.77
CA ARG A 300 -7.19 -20.87 -10.75
C ARG A 300 -5.94 -20.02 -10.85
N ASN A 301 -6.11 -18.70 -10.74
CA ASN A 301 -4.96 -17.81 -10.81
C ASN A 301 -3.92 -18.19 -9.77
N ILE A 302 -2.67 -18.24 -10.19
CA ILE A 302 -1.57 -18.65 -9.34
C ILE A 302 -0.95 -17.42 -8.68
N PHE A 303 -0.59 -17.56 -7.41
CA PHE A 303 0.10 -16.52 -6.68
C PHE A 303 1.59 -16.80 -6.49
N ASP A 304 1.98 -18.06 -6.41
CA ASP A 304 3.37 -18.42 -6.12
C ASP A 304 3.48 -19.94 -6.19
N LEU A 305 4.71 -20.42 -6.32
CA LEU A 305 4.97 -21.84 -6.22
C LEU A 305 6.44 -22.06 -5.89
N CYS A 306 6.71 -23.22 -5.29
CA CYS A 306 8.06 -23.55 -4.83
C CYS A 306 8.18 -25.05 -4.74
N THR A 307 9.43 -25.51 -4.56
CA THR A 307 9.70 -26.92 -4.31
C THR A 307 10.62 -27.04 -3.10
N ASP A 308 10.67 -28.24 -2.53
CA ASP A 308 11.53 -28.50 -1.40
C ASP A 308 12.95 -28.79 -1.88
N THR A 309 13.89 -28.83 -0.93
CA THR A 309 15.31 -29.05 -1.26
C THR A 309 15.48 -30.34 -2.03
N LYS A 310 14.70 -31.38 -1.70
CA LYS A 310 14.92 -32.71 -2.34
C LYS A 310 14.06 -32.87 -3.59
N ASP A 311 13.37 -31.81 -3.99
CA ASP A 311 12.62 -31.83 -5.26
C ASP A 311 11.56 -32.94 -5.26
N CYS A 312 10.92 -33.14 -4.11
CA CYS A 312 9.85 -34.13 -4.01
C CYS A 312 8.47 -33.51 -4.25
N TYR A 313 8.27 -32.27 -3.80
CA TYR A 313 6.95 -31.67 -3.79
C TYR A 313 6.97 -30.31 -4.48
N LEU A 314 5.79 -29.93 -4.98
CA LEU A 314 5.55 -28.62 -5.56
C LEU A 314 4.38 -27.99 -4.82
N ALA A 315 4.65 -26.90 -4.09
CA ALA A 315 3.61 -26.15 -3.41
C ALA A 315 3.18 -24.98 -4.28
N VAL A 316 1.87 -24.81 -4.45
CA VAL A 316 1.32 -23.80 -5.35
C VAL A 316 0.19 -23.08 -4.63
N ILE A 317 0.22 -21.75 -4.65
CA ILE A 317 -0.87 -20.94 -4.11
C ILE A 317 -1.83 -20.62 -5.25
N GLU A 318 -3.08 -21.07 -5.11
CA GLU A 318 -4.08 -20.94 -6.16
C GLU A 318 -5.31 -20.24 -5.59
N ASN A 319 -5.81 -19.23 -6.31
CA ASN A 319 -6.96 -18.47 -5.85
C ASN A 319 -8.24 -19.07 -6.43
N GLN A 320 -9.12 -19.51 -5.54
CA GLN A 320 -10.48 -19.86 -5.91
C GLN A 320 -11.40 -18.66 -5.66
N GLY A 321 -12.58 -18.70 -6.27
CA GLY A 321 -13.54 -17.64 -6.07
C GLY A 321 -14.14 -17.08 -7.34
N SER A 322 -14.37 -15.78 -7.38
CA SER A 322 -15.00 -15.14 -8.53
C SER A 322 -14.80 -13.64 -8.43
N MET A 323 -14.94 -12.97 -9.57
CA MET A 323 -14.96 -11.51 -9.57
C MET A 323 -15.95 -10.96 -8.55
N ASP A 324 -17.02 -11.73 -8.31
CA ASP A 324 -17.98 -11.33 -7.24
C ASP A 324 -17.17 -10.99 -5.99
N ALA A 325 -16.12 -11.76 -5.72
CA ALA A 325 -15.36 -11.55 -4.47
C ALA A 325 -14.60 -10.24 -4.50
N LEU A 326 -14.65 -9.52 -3.38
CA LEU A 326 -13.86 -8.28 -3.27
C LEU A 326 -12.47 -8.65 -2.76
N ASN A 327 -12.27 -9.93 -2.43
CA ASN A 327 -10.99 -10.35 -1.89
C ASN A 327 -10.60 -11.70 -2.48
N MET A 328 -9.32 -12.02 -2.37
CA MET A 328 -8.85 -13.33 -2.75
C MET A 328 -9.38 -14.38 -1.79
N ASP A 329 -9.38 -15.64 -2.25
CA ASP A 329 -9.63 -16.80 -1.40
C ASP A 329 -8.67 -17.88 -1.91
N THR A 330 -7.44 -17.83 -1.42
CA THR A 330 -6.40 -18.72 -1.91
C THR A 330 -6.31 -19.98 -1.07
N VAL A 331 -5.83 -21.04 -1.70
CA VAL A 331 -5.51 -22.30 -1.06
C VAL A 331 -4.10 -22.68 -1.46
N CYS A 332 -3.43 -23.44 -0.60
CA CYS A 332 -2.14 -24.02 -0.92
C CYS A 332 -2.34 -25.48 -1.30
N ARG A 333 -1.85 -25.86 -2.47
CA ARG A 333 -1.91 -27.23 -2.93
C ARG A 333 -0.50 -27.80 -3.01
N LEU A 334 -0.32 -29.02 -2.50
CA LEU A 334 0.94 -29.73 -2.61
C LEU A 334 0.78 -30.82 -3.66
N TYR A 335 1.71 -30.89 -4.59
CA TYR A 335 1.73 -31.90 -5.64
C TYR A 335 3.01 -32.71 -5.52
N GLU A 336 2.94 -33.95 -5.99
CA GLU A 336 4.14 -34.81 -6.02
C GLU A 336 4.88 -34.53 -7.32
N VAL A 337 6.16 -34.24 -7.23
CA VAL A 337 6.94 -34.07 -8.49
C VAL A 337 7.18 -35.50 -9.00
N GLY A 338 6.60 -35.74 -10.15
CA GLY A 338 6.57 -37.06 -10.78
C GLY A 338 7.95 -37.71 -10.74
N PRO B 23 -12.70 39.39 20.66
CA PRO B 23 -11.81 40.13 19.75
C PRO B 23 -11.07 39.21 18.78
N THR B 24 -11.47 39.27 17.49
CA THR B 24 -10.81 38.48 16.43
C THR B 24 -9.47 39.09 16.14
N PRO B 25 -8.35 38.34 16.26
CA PRO B 25 -7.04 38.98 16.07
C PRO B 25 -6.74 39.25 14.60
N VAL B 26 -5.72 40.08 14.39
CA VAL B 26 -5.22 40.33 13.04
C VAL B 26 -4.54 39.09 12.49
N LYS B 27 -3.75 38.41 13.33
CA LYS B 27 -3.14 37.13 13.01
C LYS B 27 -3.24 36.24 14.23
N PRO B 28 -3.37 34.93 14.04
CA PRO B 28 -3.36 34.02 15.18
C PRO B 28 -1.96 33.93 15.77
N ASN B 29 -1.86 33.27 16.92
CA ASN B 29 -0.60 33.11 17.63
C ASN B 29 -0.53 31.70 18.24
N TYR B 30 -0.53 30.69 17.37
CA TYR B 30 -0.49 29.32 17.84
C TYR B 30 0.90 28.95 18.35
N ALA B 31 0.93 28.24 19.47
CA ALA B 31 2.15 27.72 20.05
C ALA B 31 1.91 26.29 20.50
N LEU B 32 2.97 25.48 20.48
CA LEU B 32 2.87 24.07 20.85
C LEU B 32 2.61 23.92 22.35
N LYS B 33 1.63 23.10 22.70
CA LYS B 33 1.35 22.81 24.10
C LYS B 33 1.51 21.33 24.45
N PHE B 34 1.25 20.42 23.52
CA PHE B 34 1.36 18.99 23.81
C PHE B 34 1.84 18.26 22.56
N THR B 35 2.58 17.18 22.79
CA THR B 35 2.98 16.25 21.75
C THR B 35 2.49 14.87 22.14
N LEU B 36 1.63 14.28 21.30
CA LEU B 36 1.00 13.00 21.60
C LEU B 36 1.75 11.89 20.88
N ALA B 37 2.37 11.00 21.65
CA ALA B 37 3.09 9.85 21.13
C ALA B 37 2.39 8.57 21.54
N GLY B 38 2.59 7.52 20.74
CA GLY B 38 1.95 6.25 20.98
C GLY B 38 1.83 5.41 19.72
N HIS B 39 1.40 6.04 18.63
CA HIS B 39 1.37 5.34 17.35
C HIS B 39 2.77 4.91 16.95
N THR B 40 2.87 3.72 16.35
CA THR B 40 4.14 3.15 15.97
C THR B 40 4.43 3.29 14.48
N LYS B 41 3.49 3.89 13.76
CA LYS B 41 3.70 4.15 12.32
C LYS B 41 3.14 5.54 12.00
N ALA B 42 3.24 5.95 10.75
CA ALA B 42 2.74 7.25 10.36
C ALA B 42 1.31 7.44 10.86
N VAL B 43 1.03 8.65 11.36
CA VAL B 43 -0.32 9.02 11.78
C VAL B 43 -1.03 9.63 10.58
N SER B 44 -2.20 9.10 10.26
CA SER B 44 -2.88 9.47 9.02
C SER B 44 -3.93 10.56 9.21
N SER B 45 -4.55 10.67 10.38
CA SER B 45 -5.64 11.63 10.54
CA SER B 45 -5.62 11.63 10.53
C SER B 45 -5.88 11.90 12.01
N VAL B 46 -6.31 13.13 12.30
CA VAL B 46 -6.72 13.55 13.63
C VAL B 46 -8.04 14.30 13.50
N LYS B 47 -9.00 13.97 14.37
CA LYS B 47 -10.35 14.53 14.27
C LYS B 47 -10.83 14.87 15.67
N PHE B 48 -11.19 16.14 15.89
CA PHE B 48 -11.82 16.55 17.14
C PHE B 48 -13.27 16.09 17.16
N SER B 49 -13.71 15.53 18.28
CA SER B 49 -15.10 15.18 18.42
C SER B 49 -15.96 16.45 18.40
N PRO B 50 -17.18 16.37 17.85
CA PRO B 50 -18.01 17.58 17.77
C PRO B 50 -18.27 18.25 19.11
N ASN B 51 -18.35 17.49 20.20
CA ASN B 51 -18.53 18.10 21.52
C ASN B 51 -17.24 18.66 22.08
N GLY B 52 -16.14 18.60 21.32
CA GLY B 52 -14.89 19.19 21.72
C GLY B 52 -14.13 18.45 22.80
N GLU B 53 -14.65 17.32 23.28
CA GLU B 53 -14.02 16.63 24.40
C GLU B 53 -12.81 15.80 23.98
N TRP B 54 -12.81 15.27 22.76
CA TRP B 54 -11.86 14.23 22.40
C TRP B 54 -11.20 14.51 21.06
N LEU B 55 -10.06 13.85 20.87
CA LEU B 55 -9.36 13.79 19.60
C LEU B 55 -9.17 12.34 19.21
N ALA B 56 -9.58 11.99 17.99
CA ALA B 56 -9.38 10.65 17.45
C ALA B 56 -8.28 10.69 16.40
N SER B 57 -7.38 9.72 16.47
CA SER B 57 -6.30 9.60 15.51
C SER B 57 -6.29 8.19 14.93
N SER B 58 -6.05 8.10 13.63
CA SER B 58 -5.87 6.82 12.95
C SER B 58 -4.41 6.71 12.50
N SER B 59 -3.91 5.48 12.39
CA SER B 59 -2.52 5.33 12.00
C SER B 59 -2.35 4.23 10.95
N ALA B 60 -1.21 4.30 10.26
CA ALA B 60 -0.77 3.19 9.44
C ALA B 60 -0.48 1.95 10.26
N ASP B 61 -0.36 2.09 11.58
CA ASP B 61 -0.16 0.95 12.47
C ASP B 61 -1.44 0.17 12.72
N LYS B 62 -2.50 0.48 11.99
CA LYS B 62 -3.79 -0.23 12.05
C LYS B 62 -4.61 0.15 13.26
N LEU B 63 -4.20 1.16 14.03
CA LEU B 63 -4.84 1.48 15.29
C LEU B 63 -5.53 2.84 15.23
N ILE B 64 -6.65 2.94 15.98
CA ILE B 64 -7.27 4.20 16.32
C ILE B 64 -6.92 4.50 17.77
N LYS B 65 -6.81 5.77 18.10
CA LYS B 65 -6.48 6.16 19.47
C LYS B 65 -7.28 7.40 19.84
N ILE B 66 -7.81 7.39 21.06
CA ILE B 66 -8.64 8.46 21.60
C ILE B 66 -7.85 9.17 22.69
N TRP B 67 -7.78 10.50 22.57
CA TRP B 67 -7.01 11.37 23.46
C TRP B 67 -7.91 12.49 23.96
N GLY B 68 -7.50 13.09 25.08
CA GLY B 68 -8.19 14.27 25.58
C GLY B 68 -7.89 15.48 24.71
N ALA B 69 -8.95 16.18 24.30
CA ALA B 69 -8.78 17.26 23.33
C ALA B 69 -7.95 18.41 23.87
N TYR B 70 -8.01 18.66 25.18
CA TYR B 70 -7.36 19.83 25.76
C TYR B 70 -5.99 19.52 26.36
N ASP B 71 -5.86 18.41 27.09
CA ASP B 71 -4.59 18.04 27.71
C ASP B 71 -3.85 16.96 26.94
N GLY B 72 -4.45 16.41 25.87
CA GLY B 72 -3.81 15.34 25.13
C GLY B 72 -3.65 14.05 25.90
N LYS B 73 -4.32 13.90 27.04
CA LYS B 73 -4.20 12.69 27.83
C LYS B 73 -4.70 11.48 27.06
N PHE B 74 -3.85 10.48 26.91
CA PHE B 74 -4.24 9.25 26.23
C PHE B 74 -5.45 8.64 26.92
N GLU B 75 -6.50 8.38 26.14
CA GLU B 75 -7.71 7.73 26.66
C GLU B 75 -7.74 6.25 26.32
N LYS B 76 -7.57 5.88 25.05
CA LYS B 76 -7.68 4.45 24.75
C LYS B 76 -7.18 4.14 23.34
N THR B 77 -6.99 2.85 23.09
CA THR B 77 -6.70 2.31 21.77
C THR B 77 -7.88 1.49 21.28
N ILE B 78 -8.24 1.67 20.02
CA ILE B 78 -9.32 0.94 19.36
C ILE B 78 -8.71 0.14 18.22
N SER B 79 -8.94 -1.18 18.24
CA SER B 79 -8.28 -2.11 17.34
C SER B 79 -9.31 -2.94 16.58
N GLY B 80 -8.88 -3.48 15.43
CA GLY B 80 -9.74 -4.35 14.65
C GLY B 80 -9.33 -4.46 13.20
N HIS B 81 -8.90 -3.34 12.61
CA HIS B 81 -8.53 -3.35 11.20
C HIS B 81 -7.31 -4.23 10.97
N LYS B 82 -7.20 -4.75 9.75
CA LYS B 82 -6.14 -5.66 9.37
C LYS B 82 -5.02 -4.99 8.59
N LEU B 83 -5.24 -3.76 8.10
CA LEU B 83 -4.22 -2.99 7.43
C LEU B 83 -4.32 -1.54 7.91
N GLY B 84 -3.46 -0.68 7.38
CA GLY B 84 -3.45 0.71 7.77
C GLY B 84 -4.79 1.39 7.63
N ILE B 85 -5.00 2.47 8.39
CA ILE B 85 -6.24 3.25 8.37
C ILE B 85 -5.92 4.63 7.79
N SER B 86 -6.74 5.07 6.84
CA SER B 86 -6.52 6.37 6.21
C SER B 86 -7.32 7.49 6.88
N ASP B 87 -8.57 7.22 7.26
CA ASP B 87 -9.50 8.25 7.69
C ASP B 87 -10.26 7.77 8.93
N VAL B 88 -10.74 8.74 9.70
CA VAL B 88 -11.67 8.48 10.79
C VAL B 88 -12.60 9.67 10.91
N ALA B 89 -13.83 9.42 11.36
CA ALA B 89 -14.84 10.48 11.41
C ALA B 89 -15.78 10.23 12.58
N TRP B 90 -16.15 11.32 13.25
CA TRP B 90 -17.05 11.28 14.41
C TRP B 90 -18.50 11.37 13.96
N SER B 91 -19.38 10.68 14.68
CA SER B 91 -20.80 10.96 14.53
C SER B 91 -21.13 12.28 15.23
N SER B 92 -22.26 12.88 14.82
CA SER B 92 -22.59 14.21 15.30
C SER B 92 -22.73 14.26 16.82
N ASP B 93 -23.15 13.16 17.44
CA ASP B 93 -23.31 13.12 18.89
C ASP B 93 -22.04 12.70 19.62
N SER B 94 -20.91 12.60 18.90
CA SER B 94 -19.61 12.27 19.46
C SER B 94 -19.53 10.87 20.03
N ASN B 95 -20.51 10.01 19.77
CA ASN B 95 -20.55 8.68 20.35
C ASN B 95 -19.97 7.61 19.45
N LEU B 96 -19.99 7.79 18.13
CA LEU B 96 -19.55 6.78 17.19
C LEU B 96 -18.36 7.28 16.38
N LEU B 97 -17.62 6.31 15.86
CA LEU B 97 -16.48 6.63 14.96
C LEU B 97 -16.56 5.71 13.74
N VAL B 98 -16.30 6.26 12.56
CA VAL B 98 -16.19 5.46 11.36
C VAL B 98 -14.77 5.58 10.85
N SER B 99 -14.19 4.45 10.43
CA SER B 99 -12.82 4.39 9.97
C SER B 99 -12.78 3.73 8.59
N ALA B 100 -11.92 4.24 7.72
CA ALA B 100 -11.70 3.67 6.40
C ALA B 100 -10.30 3.07 6.36
N SER B 101 -10.18 1.82 5.93
CA SER B 101 -8.91 1.12 6.03
C SER B 101 -8.47 0.55 4.69
N ASP B 102 -7.17 0.30 4.59
CA ASP B 102 -6.59 -0.38 3.44
C ASP B 102 -7.05 -1.83 3.33
N ASP B 103 -7.70 -2.38 4.35
CA ASP B 103 -8.25 -3.72 4.27
C ASP B 103 -9.56 -3.76 3.51
N LYS B 104 -9.89 -2.66 2.80
CA LYS B 104 -11.07 -2.57 1.91
C LYS B 104 -12.39 -2.39 2.69
N THR B 105 -12.31 -2.21 4.01
CA THR B 105 -13.52 -2.06 4.79
C THR B 105 -13.55 -0.71 5.48
N LEU B 106 -14.75 -0.31 5.85
CA LEU B 106 -14.94 0.69 6.89
C LEU B 106 -15.43 -0.01 8.15
N LYS B 107 -15.27 0.65 9.28
CA LYS B 107 -15.74 0.11 10.54
C LYS B 107 -16.40 1.20 11.36
N ILE B 108 -17.57 0.86 11.92
CA ILE B 108 -18.31 1.72 12.83
C ILE B 108 -18.08 1.21 14.25
N TRP B 109 -17.60 2.11 15.11
CA TRP B 109 -17.13 1.83 16.45
C TRP B 109 -17.92 2.60 17.50
N ASP B 110 -18.20 1.92 18.61
CA ASP B 110 -18.68 2.56 19.84
C ASP B 110 -17.46 3.10 20.59
N VAL B 111 -17.38 4.42 20.71
CA VAL B 111 -16.17 5.03 21.26
C VAL B 111 -16.01 4.66 22.73
N SER B 112 -17.11 4.65 23.49
CA SER B 112 -17.01 4.38 24.93
C SER B 112 -16.50 2.97 25.20
N SER B 113 -17.07 1.98 24.53
CA SER B 113 -16.64 0.60 24.70
C SER B 113 -15.47 0.23 23.81
N GLY B 114 -15.26 0.95 22.71
CA GLY B 114 -14.23 0.59 21.76
C GLY B 114 -14.54 -0.63 20.92
N LYS B 115 -15.79 -1.10 20.94
CA LYS B 115 -16.18 -2.28 20.19
C LYS B 115 -16.55 -1.90 18.76
N CYS B 116 -16.22 -2.78 17.82
CA CYS B 116 -16.63 -2.61 16.43
C CYS B 116 -18.10 -2.97 16.31
N LEU B 117 -18.96 -1.97 16.11
CA LEU B 117 -20.37 -2.23 15.94
C LEU B 117 -20.68 -2.80 14.56
N LYS B 118 -20.02 -2.28 13.52
CA LYS B 118 -20.30 -2.74 12.17
C LYS B 118 -19.04 -2.74 11.32
N THR B 119 -18.99 -3.65 10.35
CA THR B 119 -17.94 -3.69 9.35
C THR B 119 -18.60 -3.52 7.98
N LEU B 120 -18.38 -2.35 7.37
CA LEU B 120 -18.93 -2.05 6.06
C LEU B 120 -18.01 -2.63 5.00
N LYS B 121 -18.50 -3.66 4.31
CA LYS B 121 -17.80 -4.32 3.21
C LYS B 121 -18.52 -4.04 1.91
N GLY B 122 -17.75 -3.78 0.86
CA GLY B 122 -18.33 -3.48 -0.44
C GLY B 122 -17.29 -2.98 -1.43
N HIS B 123 -16.41 -2.09 -0.97
CA HIS B 123 -15.33 -1.62 -1.82
C HIS B 123 -14.42 -2.78 -2.20
N SER B 124 -13.86 -2.71 -3.41
CA SER B 124 -12.98 -3.74 -3.92
C SER B 124 -11.50 -3.40 -3.75
N ASN B 125 -11.18 -2.34 -3.01
CA ASN B 125 -9.79 -1.94 -2.78
C ASN B 125 -9.78 -0.93 -1.63
N TYR B 126 -8.60 -0.34 -1.38
CA TYR B 126 -8.43 0.50 -0.20
C TYR B 126 -9.51 1.56 -0.10
N VAL B 127 -10.08 1.72 1.09
CA VAL B 127 -10.98 2.82 1.39
C VAL B 127 -10.16 3.95 1.99
N PHE B 128 -10.23 5.13 1.36
CA PHE B 128 -9.38 6.24 1.75
C PHE B 128 -10.08 7.29 2.61
N CYS B 129 -11.38 7.51 2.42
CA CYS B 129 -12.06 8.62 3.08
C CYS B 129 -13.43 8.18 3.57
N CYS B 130 -13.90 8.86 4.62
CA CYS B 130 -15.19 8.54 5.21
C CYS B 130 -15.70 9.73 6.02
N ASN B 131 -17.02 9.79 6.18
CA ASN B 131 -17.66 10.86 6.93
C ASN B 131 -19.10 10.47 7.23
N PHE B 132 -19.59 10.94 8.36
CA PHE B 132 -21.01 10.90 8.67
C PHE B 132 -21.71 12.10 8.05
N ASN B 133 -23.00 11.94 7.77
CA ASN B 133 -23.83 13.08 7.43
C ASN B 133 -24.21 13.79 8.72
N PRO B 134 -24.75 15.01 8.63
CA PRO B 134 -25.08 15.75 9.87
C PRO B 134 -25.99 14.97 10.79
N GLN B 135 -27.04 14.35 10.24
CA GLN B 135 -27.92 13.51 11.05
C GLN B 135 -27.18 12.29 11.57
N SER B 136 -26.14 11.85 10.88
CA SER B 136 -25.31 10.71 11.27
C SER B 136 -26.03 9.39 11.11
N ASN B 137 -27.10 9.34 10.31
CA ASN B 137 -27.71 8.08 9.93
C ASN B 137 -27.04 7.45 8.72
N LEU B 138 -26.26 8.23 7.96
CA LEU B 138 -25.60 7.76 6.77
C LEU B 138 -24.08 7.96 6.90
N ILE B 139 -23.33 7.11 6.20
CA ILE B 139 -21.89 7.27 6.06
C ILE B 139 -21.56 7.31 4.58
N VAL B 140 -20.63 8.18 4.21
CA VAL B 140 -20.13 8.25 2.84
C VAL B 140 -18.67 7.84 2.84
N SER B 141 -18.27 7.09 1.82
CA SER B 141 -16.91 6.59 1.73
C SER B 141 -16.41 6.72 0.30
N GLY B 142 -15.10 6.92 0.18
CA GLY B 142 -14.44 6.89 -1.12
C GLY B 142 -13.29 5.91 -1.07
N SER B 143 -12.96 5.36 -2.23
CA SER B 143 -12.05 4.22 -2.29
C SER B 143 -11.07 4.36 -3.45
N PHE B 144 -9.94 3.65 -3.31
CA PHE B 144 -9.04 3.44 -4.42
C PHE B 144 -9.74 2.81 -5.62
N ASP B 145 -10.85 2.11 -5.38
CA ASP B 145 -11.60 1.47 -6.47
C ASP B 145 -12.39 2.48 -7.29
N GLU B 146 -12.26 3.78 -7.02
CA GLU B 146 -12.79 4.86 -7.83
C GLU B 146 -14.29 5.07 -7.64
N SER B 147 -14.90 4.44 -6.64
CA SER B 147 -16.33 4.57 -6.39
C SER B 147 -16.55 5.36 -5.09
N VAL B 148 -17.74 5.93 -4.99
CA VAL B 148 -18.21 6.50 -3.73
C VAL B 148 -19.39 5.68 -3.25
N ARG B 149 -19.45 5.41 -1.95
CA ARG B 149 -20.52 4.58 -1.44
C ARG B 149 -21.24 5.28 -0.29
N ILE B 150 -22.56 5.12 -0.28
CA ILE B 150 -23.43 5.65 0.78
C ILE B 150 -23.99 4.45 1.52
N TRP B 151 -23.75 4.42 2.84
CA TRP B 151 -24.06 3.31 3.73
C TRP B 151 -25.05 3.75 4.79
N ASP B 152 -25.90 2.81 5.20
CA ASP B 152 -26.85 3.02 6.28
C ASP B 152 -26.18 2.63 7.60
N VAL B 153 -26.05 3.59 8.51
CA VAL B 153 -25.30 3.38 9.75
C VAL B 153 -25.92 2.28 10.58
N LYS B 154 -27.25 2.27 10.70
CA LYS B 154 -27.92 1.30 11.60
C LYS B 154 -27.73 -0.14 11.13
N THR B 155 -27.92 -0.38 9.84
CA THR B 155 -27.84 -1.75 9.33
C THR B 155 -26.47 -2.09 8.74
N GLY B 156 -25.65 -1.09 8.43
CA GLY B 156 -24.37 -1.35 7.82
C GLY B 156 -24.42 -1.72 6.35
N LYS B 157 -25.60 -1.76 5.75
CA LYS B 157 -25.72 -2.11 4.34
C LYS B 157 -25.45 -0.89 3.47
N CYS B 158 -24.88 -1.15 2.29
CA CYS B 158 -24.60 -0.09 1.33
C CYS B 158 -25.89 0.32 0.65
N LEU B 159 -26.25 1.60 0.76
CA LEU B 159 -27.45 2.09 0.10
C LEU B 159 -27.18 2.39 -1.38
N LYS B 160 -26.07 3.06 -1.67
CA LYS B 160 -25.79 3.44 -3.05
C LYS B 160 -24.31 3.28 -3.36
N THR B 161 -24.03 2.90 -4.61
CA THR B 161 -22.68 2.87 -5.17
C THR B 161 -22.66 3.80 -6.36
N LEU B 162 -21.92 4.90 -6.24
CA LEU B 162 -21.78 5.88 -7.29
C LEU B 162 -20.51 5.61 -8.08
N PRO B 163 -20.60 5.40 -9.39
CA PRO B 163 -19.40 5.36 -10.24
C PRO B 163 -18.80 6.74 -10.34
N ALA B 164 -18.17 7.18 -9.24
CA ALA B 164 -17.93 8.62 -9.07
C ALA B 164 -16.82 9.13 -9.96
N HIS B 165 -15.77 8.34 -10.16
CA HIS B 165 -14.58 8.85 -10.83
C HIS B 165 -13.93 7.72 -11.62
N SER B 166 -12.87 8.08 -12.35
CA SER B 166 -12.07 7.14 -13.11
C SER B 166 -10.66 7.02 -12.54
N ASP B 167 -10.52 7.27 -11.24
CA ASP B 167 -9.26 7.17 -10.51
C ASP B 167 -9.57 7.15 -9.02
N PRO B 168 -8.58 6.90 -8.16
CA PRO B 168 -8.87 6.77 -6.73
C PRO B 168 -9.54 8.02 -6.16
N VAL B 169 -10.46 7.78 -5.23
CA VAL B 169 -11.19 8.86 -4.56
C VAL B 169 -10.43 9.26 -3.32
N SER B 170 -10.08 10.55 -3.22
CA SER B 170 -9.22 11.04 -2.16
C SER B 170 -9.97 11.63 -0.97
N ALA B 171 -11.20 12.12 -1.17
CA ALA B 171 -11.95 12.69 -0.06
C ALA B 171 -13.43 12.72 -0.39
N VAL B 172 -14.25 12.58 0.64
CA VAL B 172 -15.71 12.68 0.54
C VAL B 172 -16.21 13.47 1.75
N HIS B 173 -17.26 14.27 1.53
CA HIS B 173 -17.75 15.13 2.59
C HIS B 173 -19.20 15.51 2.33
N PHE B 174 -20.00 15.50 3.38
CA PHE B 174 -21.38 15.98 3.33
C PHE B 174 -21.41 17.49 3.56
N ASN B 175 -22.45 18.14 3.00
CA ASN B 175 -22.65 19.55 3.28
C ASN B 175 -23.43 19.70 4.58
N ARG B 176 -23.65 20.95 5.00
CA ARG B 176 -24.22 21.27 6.34
C ARG B 176 -25.52 20.52 6.65
N ASP B 177 -26.37 20.36 5.66
CA ASP B 177 -27.65 19.69 5.90
C ASP B 177 -27.69 18.27 5.35
N GLY B 178 -26.59 17.77 4.81
CA GLY B 178 -26.50 16.40 4.35
C GLY B 178 -27.17 16.11 3.02
N SER B 179 -27.69 17.14 2.34
CA SER B 179 -28.35 16.91 1.06
C SER B 179 -27.36 16.77 -0.09
N LEU B 180 -26.12 17.20 0.10
CA LEU B 180 -25.11 17.15 -0.94
C LEU B 180 -23.87 16.42 -0.44
N ILE B 181 -23.22 15.69 -1.36
CA ILE B 181 -21.93 15.08 -1.12
C ILE B 181 -20.94 15.67 -2.11
N VAL B 182 -19.70 15.87 -1.66
CA VAL B 182 -18.63 16.33 -2.54
C VAL B 182 -17.52 15.30 -2.52
N SER B 183 -17.01 14.97 -3.71
CA SER B 183 -15.94 13.98 -3.84
C SER B 183 -14.80 14.57 -4.66
N SER B 184 -13.59 14.13 -4.35
CA SER B 184 -12.38 14.53 -5.07
C SER B 184 -11.65 13.28 -5.53
N SER B 185 -10.91 13.39 -6.64
CA SER B 185 -10.28 12.21 -7.21
C SER B 185 -8.97 12.60 -7.90
N TYR B 186 -8.08 11.61 -8.00
CA TYR B 186 -6.87 11.74 -8.79
C TYR B 186 -7.15 11.96 -10.27
N ASP B 187 -8.39 11.75 -10.72
CA ASP B 187 -8.72 12.09 -12.10
C ASP B 187 -8.80 13.59 -12.34
N GLY B 188 -8.49 14.41 -11.34
CA GLY B 188 -8.45 15.85 -11.48
C GLY B 188 -9.79 16.55 -11.33
N LEU B 189 -10.84 15.84 -10.95
CA LEU B 189 -12.19 16.40 -10.93
C LEU B 189 -12.72 16.46 -9.50
N CYS B 190 -13.56 17.46 -9.25
N CYS B 190 -13.61 17.43 -9.26
CA CYS B 190 -14.41 17.46 -8.06
CA CYS B 190 -14.40 17.47 -8.04
C CYS B 190 -15.84 17.25 -8.51
C CYS B 190 -15.87 17.35 -8.42
N ARG B 191 -16.61 16.48 -7.74
CA ARG B 191 -17.98 16.21 -8.12
C ARG B 191 -18.95 16.44 -6.98
N ILE B 192 -20.03 17.16 -7.28
CA ILE B 192 -21.11 17.45 -6.36
C ILE B 192 -22.27 16.53 -6.70
N TRP B 193 -22.70 15.75 -5.72
CA TRP B 193 -23.70 14.71 -5.85
C TRP B 193 -24.90 15.01 -4.98
N ASP B 194 -26.09 14.67 -5.47
CA ASP B 194 -27.31 14.74 -4.67
C ASP B 194 -27.41 13.49 -3.81
N THR B 195 -27.37 13.65 -2.49
CA THR B 195 -27.38 12.51 -1.59
C THR B 195 -28.59 11.61 -1.84
N ALA B 196 -29.78 12.21 -1.92
CA ALA B 196 -31.00 11.41 -2.01
C ALA B 196 -31.08 10.65 -3.32
N SER B 197 -30.78 11.30 -4.44
CA SER B 197 -30.95 10.67 -5.75
C SER B 197 -29.69 10.02 -6.27
N GLY B 198 -28.52 10.33 -5.70
CA GLY B 198 -27.28 9.77 -6.20
C GLY B 198 -26.81 10.32 -7.53
N GLN B 199 -27.50 11.34 -8.06
CA GLN B 199 -27.11 11.94 -9.33
C GLN B 199 -25.98 12.94 -9.13
N CYS B 200 -25.10 13.02 -10.13
CA CYS B 200 -24.03 14.00 -10.12
C CYS B 200 -24.59 15.34 -10.57
N LEU B 201 -24.66 16.29 -9.65
CA LEU B 201 -25.20 17.61 -9.96
C LEU B 201 -24.17 18.54 -10.57
N LYS B 202 -22.89 18.38 -10.23
CA LYS B 202 -21.89 19.29 -10.80
C LYS B 202 -20.54 18.59 -10.92
N THR B 203 -19.77 19.01 -11.93
CA THR B 203 -18.40 18.55 -12.13
C THR B 203 -17.49 19.76 -12.27
N LEU B 204 -16.65 19.97 -11.27
CA LEU B 204 -15.72 21.11 -11.29
C LEU B 204 -14.44 20.66 -12.01
N ILE B 205 -14.13 21.32 -13.10
CA ILE B 205 -12.88 20.99 -13.86
C ILE B 205 -12.02 22.25 -13.88
N ASP B 206 -10.71 22.08 -13.97
CA ASP B 206 -9.84 23.27 -14.09
C ASP B 206 -9.05 23.18 -15.39
N ASP B 207 -8.52 24.31 -15.83
CA ASP B 207 -7.71 24.39 -17.05
C ASP B 207 -6.82 23.15 -17.16
N ASP B 208 -5.86 23.01 -16.25
CA ASP B 208 -5.21 21.73 -16.04
C ASP B 208 -5.99 20.94 -15.01
N ASN B 209 -5.85 19.62 -15.06
CA ASN B 209 -6.56 18.71 -14.16
C ASN B 209 -5.56 17.92 -13.32
N PRO B 210 -4.78 18.61 -12.49
CA PRO B 210 -3.91 17.88 -11.57
C PRO B 210 -4.73 17.08 -10.59
N PRO B 211 -4.17 16.01 -10.04
CA PRO B 211 -4.92 15.20 -9.08
C PRO B 211 -5.47 16.06 -7.94
N VAL B 212 -6.73 15.82 -7.60
CA VAL B 212 -7.38 16.51 -6.50
C VAL B 212 -7.24 15.63 -5.26
N SER B 213 -6.45 16.10 -4.30
CA SER B 213 -6.05 15.30 -3.14
C SER B 213 -6.90 15.53 -1.91
N PHE B 214 -7.80 16.51 -1.93
CA PHE B 214 -8.67 16.76 -0.79
C PHE B 214 -9.76 17.75 -1.20
N VAL B 215 -10.94 17.60 -0.59
CA VAL B 215 -12.02 18.56 -0.77
C VAL B 215 -12.94 18.46 0.44
N LYS B 216 -13.63 19.57 0.72
CA LYS B 216 -14.66 19.60 1.74
C LYS B 216 -15.47 20.88 1.54
N PHE B 217 -16.73 20.84 1.94
CA PHE B 217 -17.57 22.02 1.90
C PHE B 217 -17.10 23.04 2.94
N SER B 218 -17.32 24.31 2.64
CA SER B 218 -17.15 25.34 3.64
C SER B 218 -18.29 25.26 4.66
N PRO B 219 -18.10 25.83 5.85
CA PRO B 219 -19.17 25.74 6.86
C PRO B 219 -20.52 26.25 6.35
N ASN B 220 -20.51 27.31 5.56
CA ASN B 220 -21.76 27.84 5.00
C ASN B 220 -22.33 26.94 3.91
N GLY B 221 -21.52 26.08 3.31
CA GLY B 221 -21.98 25.14 2.31
C GLY B 221 -21.98 25.66 0.88
N LYS B 222 -21.63 26.93 0.67
CA LYS B 222 -21.65 27.51 -0.67
C LYS B 222 -20.32 27.35 -1.40
N TYR B 223 -19.24 27.09 -0.68
CA TYR B 223 -17.92 26.93 -1.26
C TYR B 223 -17.40 25.54 -0.98
N ILE B 224 -16.41 25.13 -1.78
CA ILE B 224 -15.65 23.92 -1.50
C ILE B 224 -14.17 24.28 -1.50
N LEU B 225 -13.44 23.73 -0.54
CA LEU B 225 -11.99 23.88 -0.44
C LEU B 225 -11.34 22.63 -1.02
N ALA B 226 -10.60 22.79 -2.11
CA ALA B 226 -10.00 21.68 -2.83
C ALA B 226 -8.50 21.85 -2.91
N ALA B 227 -7.76 20.84 -2.49
CA ALA B 227 -6.32 20.82 -2.63
C ALA B 227 -5.95 20.02 -3.89
N THR B 228 -4.98 20.52 -4.64
CA THR B 228 -4.46 19.77 -5.78
C THR B 228 -2.97 19.55 -5.59
N LEU B 229 -2.48 18.43 -6.13
CA LEU B 229 -1.09 18.04 -5.93
C LEU B 229 -0.14 18.91 -6.74
N ASP B 230 -0.43 20.20 -6.82
CA ASP B 230 0.47 21.19 -7.41
C ASP B 230 0.73 22.32 -6.42
N ASN B 231 0.76 22.00 -5.13
CA ASN B 231 1.11 22.96 -4.08
C ASN B 231 0.04 24.06 -3.93
N THR B 232 -1.22 23.73 -4.16
CA THR B 232 -2.25 24.75 -4.23
C THR B 232 -3.54 24.31 -3.55
N LEU B 233 -4.11 25.23 -2.77
CA LEU B 233 -5.46 25.11 -2.25
CA LEU B 233 -5.46 25.12 -2.24
C LEU B 233 -6.34 26.13 -2.95
N LYS B 234 -7.58 25.74 -3.20
CA LYS B 234 -8.48 26.60 -3.97
C LYS B 234 -9.88 26.60 -3.35
N LEU B 235 -10.41 27.79 -3.08
CA LEU B 235 -11.77 27.95 -2.62
C LEU B 235 -12.64 28.26 -3.83
N TRP B 236 -13.62 27.38 -4.08
CA TRP B 236 -14.46 27.40 -5.27
C TRP B 236 -15.90 27.68 -4.89
N ASP B 237 -16.56 28.49 -5.72
CA ASP B 237 -18.03 28.53 -5.78
C ASP B 237 -18.43 27.44 -6.77
N TYR B 238 -18.91 26.31 -6.25
CA TYR B 238 -19.13 25.15 -7.11
C TYR B 238 -20.35 25.32 -7.99
N SER B 239 -21.41 25.96 -7.47
CA SER B 239 -22.59 26.21 -8.29
C SER B 239 -22.22 26.95 -9.57
N LYS B 240 -21.32 27.92 -9.44
CA LYS B 240 -20.94 28.75 -10.61
C LYS B 240 -19.62 28.26 -11.22
N GLY B 241 -18.92 27.34 -10.55
CA GLY B 241 -17.67 26.83 -11.08
C GLY B 241 -16.55 27.83 -11.14
N LYS B 242 -16.59 28.87 -10.32
CA LYS B 242 -15.56 29.90 -10.30
C LYS B 242 -14.63 29.67 -9.11
N CYS B 243 -13.33 29.80 -9.36
CA CYS B 243 -12.34 29.73 -8.29
C CYS B 243 -12.26 31.11 -7.63
N LEU B 244 -12.69 31.20 -6.37
CA LEU B 244 -12.72 32.48 -5.68
C LEU B 244 -11.41 32.81 -5.00
N LYS B 245 -10.77 31.84 -4.36
CA LYS B 245 -9.53 32.11 -3.64
C LYS B 245 -8.49 31.04 -3.95
N THR B 246 -7.21 31.44 -3.90
CA THR B 246 -6.09 30.52 -4.07
C THR B 246 -5.10 30.75 -2.93
N TYR B 247 -4.67 29.66 -2.31
CA TYR B 247 -3.72 29.68 -1.20
C TYR B 247 -2.51 28.84 -1.58
N THR B 248 -1.33 29.45 -1.49
CA THR B 248 -0.08 28.79 -1.86
C THR B 248 0.97 29.15 -0.82
N GLY B 249 2.21 28.76 -1.09
CA GLY B 249 3.33 28.94 -0.19
C GLY B 249 3.78 27.66 0.48
N HIS B 250 2.90 26.67 0.57
CA HIS B 250 3.24 25.39 1.19
C HIS B 250 3.72 24.40 0.12
N LYS B 251 4.05 23.20 0.58
CA LYS B 251 4.52 22.13 -0.34
C LYS B 251 3.56 20.94 -0.29
N ASN B 252 2.96 20.61 -1.42
CA ASN B 252 2.01 19.50 -1.50
C ASN B 252 2.00 18.98 -2.93
N GLU B 253 2.83 17.97 -3.18
CA GLU B 253 2.90 17.31 -4.48
C GLU B 253 2.67 15.81 -4.42
N LYS B 254 2.70 15.20 -3.24
CA LYS B 254 2.77 13.75 -3.17
C LYS B 254 1.64 13.17 -2.32
N TYR B 255 1.41 13.73 -1.14
CA TYR B 255 0.46 13.18 -0.19
C TYR B 255 -0.84 13.95 -0.23
N CYS B 256 -1.92 13.26 0.14
CA CYS B 256 -3.25 13.86 0.19
C CYS B 256 -3.42 14.48 1.57
N ILE B 257 -3.08 15.76 1.67
CA ILE B 257 -3.04 16.47 2.94
C ILE B 257 -4.41 17.07 3.23
N PHE B 258 -4.91 16.83 4.44
CA PHE B 258 -6.19 17.37 4.87
C PHE B 258 -6.08 18.87 5.10
N ALA B 259 -7.19 19.57 4.91
CA ALA B 259 -7.25 21.02 5.13
C ALA B 259 -8.52 21.37 5.89
N ASN B 260 -8.50 22.53 6.55
CA ASN B 260 -9.57 22.90 7.46
C ASN B 260 -9.90 24.39 7.33
N PHE B 261 -11.16 24.70 7.62
CA PHE B 261 -11.61 26.06 7.91
C PHE B 261 -11.53 26.30 9.41
N SER B 262 -10.70 27.26 9.82
CA SER B 262 -10.61 27.66 11.22
C SER B 262 -11.52 28.88 11.42
N VAL B 263 -12.46 28.77 12.37
CA VAL B 263 -13.51 29.76 12.54
C VAL B 263 -13.65 30.25 13.97
N THR B 264 -12.87 29.72 14.93
CA THR B 264 -13.09 30.06 16.33
C THR B 264 -12.41 31.35 16.76
N GLY B 265 -11.34 31.76 16.09
CA GLY B 265 -10.67 32.99 16.42
C GLY B 265 -10.13 33.70 15.20
N GLY B 266 -11.03 34.07 14.29
CA GLY B 266 -10.64 34.55 12.98
C GLY B 266 -10.90 33.50 11.92
N LYS B 267 -10.98 33.97 10.67
CA LYS B 267 -11.29 33.11 9.52
C LYS B 267 -9.99 32.71 8.86
N TRP B 268 -9.52 31.49 9.16
CA TRP B 268 -8.26 31.02 8.61
C TRP B 268 -8.49 29.77 7.76
N ILE B 269 -7.53 29.51 6.87
CA ILE B 269 -7.39 28.22 6.21
C ILE B 269 -6.15 27.55 6.78
N VAL B 270 -6.30 26.30 7.23
CA VAL B 270 -5.22 25.58 7.88
C VAL B 270 -4.91 24.32 7.08
N SER B 271 -3.63 24.02 6.91
CA SER B 271 -3.24 22.84 6.16
C SER B 271 -1.89 22.33 6.61
N GLY B 272 -1.68 21.02 6.47
CA GLY B 272 -0.37 20.44 6.61
C GLY B 272 0.48 20.74 5.39
N SER B 273 1.73 20.32 5.44
CA SER B 273 2.66 20.60 4.35
C SER B 273 3.74 19.54 4.31
N GLU B 274 4.29 19.32 3.12
CA GLU B 274 5.35 18.34 2.92
C GLU B 274 6.73 18.88 3.31
N ASP B 275 6.80 20.11 3.81
CA ASP B 275 8.01 20.62 4.44
C ASP B 275 7.95 20.53 5.95
N ASN B 276 6.99 19.77 6.49
CA ASN B 276 6.85 19.46 7.91
C ASN B 276 6.24 20.60 8.71
N LEU B 277 5.69 21.61 8.05
CA LEU B 277 5.11 22.76 8.73
C LEU B 277 3.60 22.75 8.61
N VAL B 278 2.94 23.42 9.56
CA VAL B 278 1.51 23.68 9.48
C VAL B 278 1.32 25.10 8.98
N TYR B 279 0.64 25.26 7.85
CA TYR B 279 0.40 26.57 7.27
C TYR B 279 -0.98 27.08 7.67
N ILE B 280 -1.05 28.39 7.94
CA ILE B 280 -2.29 29.09 8.25
C ILE B 280 -2.33 30.37 7.43
N TRP B 281 -3.31 30.46 6.54
CA TRP B 281 -3.56 31.63 5.70
C TRP B 281 -4.77 32.41 6.19
N ASN B 282 -4.74 33.71 5.96
CA ASN B 282 -5.94 34.53 6.06
C ASN B 282 -6.89 34.13 4.93
N LEU B 283 -8.04 33.58 5.27
CA LEU B 283 -8.97 33.08 4.22
C LEU B 283 -9.30 34.20 3.23
N GLN B 284 -9.62 35.39 3.74
CA GLN B 284 -10.09 36.45 2.84
C GLN B 284 -8.96 36.98 1.95
N THR B 285 -7.78 37.23 2.53
CA THR B 285 -6.70 37.88 1.80
C THR B 285 -5.73 36.91 1.15
N LYS B 286 -5.68 35.66 1.63
CA LYS B 286 -4.84 34.58 1.09
C LYS B 286 -3.38 34.70 1.54
N GLU B 287 -3.11 35.61 2.46
CA GLU B 287 -1.73 35.82 2.95
C GLU B 287 -1.42 34.80 4.04
N ILE B 288 -0.21 34.25 4.03
CA ILE B 288 0.14 33.37 5.14
C ILE B 288 0.21 34.18 6.42
N VAL B 289 -0.52 33.72 7.44
CA VAL B 289 -0.50 34.38 8.73
C VAL B 289 0.31 33.60 9.77
N GLN B 290 0.56 32.31 9.56
CA GLN B 290 1.44 31.63 10.50
C GLN B 290 1.93 30.31 9.91
N LYS B 291 3.06 29.86 10.41
CA LYS B 291 3.65 28.58 10.02
C LYS B 291 4.18 27.91 11.28
N LEU B 292 3.50 26.85 11.71
CA LEU B 292 3.85 26.13 12.92
C LEU B 292 4.94 25.10 12.62
N GLN B 293 6.03 25.17 13.40
CA GLN B 293 7.18 24.30 13.24
C GLN B 293 7.29 23.38 14.45
N GLY B 294 7.76 22.16 14.20
CA GLY B 294 7.90 21.19 15.27
C GLY B 294 7.95 19.75 14.77
N HIS B 295 7.13 19.42 13.78
CA HIS B 295 7.11 18.07 13.24
C HIS B 295 8.39 17.76 12.47
N THR B 296 8.77 16.49 12.48
CA THR B 296 9.97 16.02 11.80
C THR B 296 9.66 15.21 10.55
N ASP B 297 8.46 15.36 10.00
CA ASP B 297 8.09 14.69 8.75
C ASP B 297 6.87 15.40 8.19
N VAL B 298 6.37 14.90 7.06
CA VAL B 298 5.22 15.50 6.41
C VAL B 298 4.06 15.60 7.39
N VAL B 299 3.43 16.77 7.43
CA VAL B 299 2.21 16.97 8.20
C VAL B 299 1.05 16.70 7.25
N ILE B 300 0.42 15.55 7.39
CA ILE B 300 -0.59 15.10 6.44
C ILE B 300 -2.01 15.40 6.89
N SER B 301 -2.22 15.72 8.17
CA SER B 301 -3.56 15.94 8.69
C SER B 301 -3.53 17.06 9.73
N THR B 302 -4.53 17.94 9.65
CA THR B 302 -4.77 18.95 10.66
C THR B 302 -6.26 18.99 10.96
N ALA B 303 -6.59 19.48 12.16
CA ALA B 303 -7.96 19.60 12.61
C ALA B 303 -8.05 20.82 13.52
N CYS B 304 -9.21 21.49 13.49
CA CYS B 304 -9.44 22.70 14.26
C CYS B 304 -10.53 22.43 15.29
N HIS B 305 -10.22 22.70 16.55
CA HIS B 305 -11.17 22.43 17.62
C HIS B 305 -12.48 23.18 17.36
N PRO B 306 -13.62 22.60 17.73
CA PRO B 306 -14.91 23.23 17.37
C PRO B 306 -15.21 24.52 18.12
N THR B 307 -14.62 24.75 19.31
CA THR B 307 -14.96 25.95 20.06
C THR B 307 -13.72 26.73 20.49
N GLU B 308 -12.62 26.04 20.76
CA GLU B 308 -11.39 26.69 21.20
C GLU B 308 -10.42 26.83 20.04
N ASN B 309 -9.46 27.74 20.22
CA ASN B 309 -8.41 27.98 19.22
C ASN B 309 -7.32 26.92 19.38
N ILE B 310 -7.68 25.68 19.02
CA ILE B 310 -6.79 24.54 19.14
C ILE B 310 -6.67 23.87 17.79
N ILE B 311 -5.44 23.60 17.37
CA ILE B 311 -5.15 22.89 16.13
C ILE B 311 -4.40 21.61 16.46
N ALA B 312 -4.92 20.48 16.01
CA ALA B 312 -4.24 19.20 16.10
C ALA B 312 -3.60 18.89 14.77
N SER B 313 -2.33 18.50 14.79
CA SER B 313 -1.61 18.12 13.58
C SER B 313 -1.01 16.73 13.75
N ALA B 314 -0.91 16.00 12.65
CA ALA B 314 -0.36 14.65 12.63
C ALA B 314 0.64 14.51 11.49
N ALA B 315 1.72 13.77 11.74
CA ALA B 315 2.82 13.65 10.80
C ALA B 315 3.12 12.18 10.52
N LEU B 316 3.96 11.95 9.51
CA LEU B 316 4.15 10.62 8.94
C LEU B 316 5.26 9.81 9.61
N GLU B 317 5.84 8.88 8.85
CA GLU B 317 6.59 7.77 9.45
C GLU B 317 7.76 8.25 10.30
N ASN B 318 8.52 9.23 9.82
CA ASN B 318 9.67 9.70 10.58
C ASN B 318 9.28 10.54 11.79
N ASP B 319 7.99 10.77 12.02
CA ASP B 319 7.53 11.58 13.15
C ASP B 319 6.64 10.74 14.07
N LYS B 320 5.46 10.31 13.62
CA LYS B 320 4.57 9.41 14.34
C LYS B 320 3.84 10.07 15.50
N THR B 321 3.98 11.39 15.67
CA THR B 321 3.38 12.07 16.81
C THR B 321 2.25 12.99 16.39
N ILE B 322 1.39 13.29 17.34
CA ILE B 322 0.34 14.29 17.22
C ILE B 322 0.71 15.48 18.09
N LYS B 323 0.51 16.69 17.57
CA LYS B 323 0.80 17.90 18.34
C LYS B 323 -0.46 18.77 18.44
N LEU B 324 -0.65 19.35 19.62
CA LEU B 324 -1.73 20.29 19.87
C LEU B 324 -1.13 21.69 20.00
N TRP B 325 -1.66 22.62 19.22
CA TRP B 325 -1.24 24.02 19.26
C TRP B 325 -2.42 24.86 19.73
N LYS B 326 -2.12 25.85 20.58
CA LYS B 326 -3.14 26.74 21.10
C LYS B 326 -2.75 28.18 20.83
N SER B 327 -3.74 28.99 20.48
CA SER B 327 -3.55 30.41 20.22
C SER B 327 -4.34 31.21 21.24
N ASP B 328 -3.66 32.07 21.98
CA ASP B 328 -4.35 32.96 22.91
C ASP B 328 -4.93 34.19 22.23
N CYS B 329 -4.36 34.59 21.09
CA CYS B 329 -4.96 35.66 20.28
C CYS B 329 -6.23 35.13 19.61
C01 A1AM2 C . -7.07 11.65 5.90
C03 A1AM2 C . -7.75 10.77 4.00
C04 A1AM2 C . -7.36 10.38 2.55
C06 A1AM2 C . -5.67 9.02 1.12
C07 A1AM2 C . -6.09 9.73 -0.01
C08 A1AM2 C . -5.60 9.39 -1.28
C09 A1AM2 C . -4.68 8.37 -1.41
C10 A1AM2 C . -4.13 7.95 -2.63
C11 A1AM2 C . -4.82 7.98 -3.83
C13 A1AM2 C . -4.19 7.53 -4.99
C14 A1AM2 C . -2.89 7.04 -4.97
C15 A1AM2 C . -2.22 7.01 -3.76
C16 A1AM2 C . -0.80 6.45 -3.65
C19 A1AM2 C . 0.96 4.87 -4.57
C20 A1AM2 C . 0.80 3.48 -3.93
C22 A1AM2 C . -1.11 2.07 -3.93
C23 A1AM2 C . -0.43 0.76 -3.48
C25 A1AM2 C . 1.26 -0.50 -4.47
C26 A1AM2 C . 1.56 -1.42 -5.67
C28 A1AM2 C . 0.32 -2.87 -7.04
C29 A1AM2 C . 1.28 -4.06 -7.26
C31 A1AM2 C . 2.17 -5.85 -6.03
C32 A1AM2 C . 2.57 -6.46 -7.39
C34 A1AM2 C . 3.38 -8.82 -6.85
C36 A1AM2 C . 4.58 -9.78 -6.70
C37 A1AM2 C . 4.40 -11.07 -6.91
C38 A1AM2 C . 5.02 -12.49 -6.96
C39 A1AM2 C . 6.16 -12.84 -7.70
C40 A1AM2 C . 6.90 -12.01 -8.54
C41 A1AM2 C . 8.18 -11.60 -8.18
C43 A1AM2 C . 8.91 -10.79 -9.04
C44 A1AM2 C . 8.38 -10.40 -10.26
C46 A1AM2 C . 7.11 -10.82 -10.62
C47 A1AM2 C . 6.37 -11.63 -9.76
C48 A1AM2 C . 6.38 -14.19 -7.44
C49 A1AM2 C . 7.49 -15.08 -8.03
C52 A1AM2 C . 8.51 -17.32 -8.31
C53 A1AM2 C . 7.86 -18.18 -9.38
C54 A1AM2 C . 8.63 -18.81 -10.35
C55 A1AM2 C . 8.01 -19.61 -11.30
C56 A1AM2 C . 6.64 -19.76 -11.28
C58 A1AM2 C . 5.87 -19.14 -10.30
C60 A1AM2 C . 6.49 -18.35 -9.35
C61 A1AM2 C . 9.04 -18.26 -7.26
C62 A1AM2 C . 9.57 -17.61 -5.98
C65 A1AM2 C . 5.39 -14.60 -6.56
C67 A1AM2 C . -2.84 7.45 -2.59
C68 A1AM2 C . -4.27 7.66 -0.28
C69 A1AM2 C . -4.75 7.99 0.97
C71 A1AM2 C . -2.93 7.19 2.61
C73 A1AM2 C . -2.62 6.20 3.76
C74 A1AM2 C . -1.91 6.58 5.01
C75 A1AM2 C . -1.41 8.00 5.24
C79 A1AM2 C . -1.67 5.54 6.06
C80 A1AM2 C . -2.16 4.11 5.84
C83 A1AM2 C . -3.10 4.77 3.55
C84 A1AM2 C . -5.18 10.31 3.15
C85 A1AM2 C . -5.51 10.76 4.58
C86 A1AM2 C . -4.27 11.67 4.95
C87 A1AM2 C . -9.02 11.68 3.85
F12 A1AM2 C . -6.09 8.46 -3.90
F42 A1AM2 C . 8.71 -11.97 -6.99
F57 A1AM2 C . 6.04 -20.54 -12.20
F76 A1AM2 C . -2.42 8.88 5.08
F77 A1AM2 C . -0.44 8.24 4.33
F78 A1AM2 C . -0.89 8.10 6.49
N02 A1AM2 C . -6.72 11.43 4.68
N05 A1AM2 C . -6.19 9.53 2.44
N18 A1AM2 C . -0.37 5.46 -4.64
N33 A1AM2 C . 3.66 -7.44 -7.23
N51 A1AM2 C . 7.48 -16.51 -7.73
N64 A1AM2 C . 8.84 -17.74 -4.73
N66 A1AM2 C . 4.60 -13.56 -6.29
N70 A1AM2 C . -4.28 7.16 2.09
N82 A1AM2 C . -2.87 3.75 4.60
O17 A1AM2 C . -0.07 6.81 -2.79
O21 A1AM2 C . -0.17 2.79 -4.69
O24 A1AM2 C . -0.04 0.03 -4.61
O27 A1AM2 C . 0.52 -2.36 -5.74
O30 A1AM2 C . 1.06 -5.02 -6.24
O35 A1AM2 C . 2.27 -9.18 -6.65
O50 A1AM2 C . 8.33 -14.66 -8.74
O63 A1AM2 C . 10.60 -17.01 -6.01
O72 A1AM2 C . -2.12 7.93 2.16
O81 A1AM2 C . -1.98 3.28 6.66
CL45 A1AM2 C . 9.31 -9.36 -11.37
CL59 A1AM2 C . 4.11 -19.33 -10.24
#